data_6U5Y
#
_entry.id   6U5Y
#
_cell.length_a   99.021
_cell.length_b   78.444
_cell.length_c   80.199
_cell.angle_alpha   90.000
_cell.angle_beta   89.960
_cell.angle_gamma   90.000
#
_symmetry.space_group_name_H-M   'C 1 2 1'
#
loop_
_entity.id
_entity.type
_entity.pdbx_description
1 polymer 'WD repeat-containing protein 5'
2 non-polymer 3-{[(5-bromo-3-chloro-2-hydroxyphenyl)sulfonyl]amino}-5-(1-cyanocyclobutyl)-2-hydroxy-N-methylbenzamide
3 water water
#
_entity_poly.entity_id   1
_entity_poly.type   'polypeptide(L)'
_entity_poly.pdbx_seq_one_letter_code
;VKPNYALKFTLAGHTKAVSSVKFSPNGEWLASSSADKLIKIWGAYDGKFEKTISGHKLGISDVAWSSDSNLLVSASDDKT
LKIWDVSSGKCLKTLKGHSNYVFCCNFNPQSNLIVSGSFDESVRIWDVKTGKCLKTLPAHSDPVSAVHFNRDGSLIVSSS
YDGLCRIWDTASGQCLKTLIDDDNPPVSFVKFSPNGKYILAATLDNTLKLWDYSKGKCLKTYTGHKNEKYCIFANFSVTG
GKWIVSGSEDNLVYIWNLQTKEIVQKLQGHTDVVISTACHPTENIIASAALENDKTIKLWKSDC
;
_entity_poly.pdbx_strand_id   A,B
#
loop_
_chem_comp.id
_chem_comp.type
_chem_comp.name
_chem_comp.formula
Q0M non-polymer 3-{[(5-bromo-3-chloro-2-hydroxyphenyl)sulfonyl]amino}-5-(1-cyanocyclobutyl)-2-hydroxy-N-methylbenzamide 'C19 H17 Br Cl N3 O5 S'
#
# COMPACT_ATOMS: atom_id res chain seq x y z
N VAL A 1 -31.15 -8.67 8.97
CA VAL A 1 -30.22 -9.47 8.17
C VAL A 1 -29.12 -8.63 7.54
N LYS A 2 -27.88 -9.07 7.73
CA LYS A 2 -26.70 -8.26 7.43
C LYS A 2 -25.63 -9.15 6.82
N PRO A 3 -24.75 -8.60 6.00
CA PRO A 3 -23.63 -9.39 5.47
C PRO A 3 -22.51 -9.48 6.51
N ASN A 4 -21.51 -10.31 6.21
CA ASN A 4 -20.32 -10.38 7.06
C ASN A 4 -19.07 -10.40 6.18
N TYR A 5 -18.87 -9.33 5.41
CA TYR A 5 -17.66 -9.22 4.61
C TYR A 5 -16.43 -9.25 5.51
N ALA A 6 -15.47 -10.06 5.13
CA ALA A 6 -14.19 -10.15 5.84
C ALA A 6 -13.07 -10.04 4.82
N LEU A 7 -11.98 -9.43 5.24
CA LEU A 7 -10.86 -9.20 4.33
C LEU A 7 -10.18 -10.53 3.98
N LYS A 8 -9.94 -10.73 2.68
CA LYS A 8 -9.29 -11.94 2.21
C LYS A 8 -7.95 -11.67 1.55
N PHE A 9 -7.83 -10.61 0.74
CA PHE A 9 -6.57 -10.32 0.06
C PHE A 9 -6.38 -8.81 0.00
N THR A 10 -5.12 -8.40 0.09
CA THR A 10 -4.74 -7.02 -0.18
C THR A 10 -3.76 -7.03 -1.34
N LEU A 11 -4.02 -6.15 -2.31
CA LEU A 11 -3.32 -6.06 -3.59
C LEU A 11 -2.57 -4.74 -3.63
N ALA A 12 -1.36 -4.75 -4.18
CA ALA A 12 -0.64 -3.49 -4.30
C ALA A 12 0.20 -3.56 -5.57
N GLY A 13 0.38 -2.43 -6.23
CA GLY A 13 1.14 -2.38 -7.46
C GLY A 13 1.21 -0.98 -8.04
N HIS A 14 0.06 -0.31 -8.04
CA HIS A 14 -0.03 1.04 -8.58
C HIS A 14 0.78 2.00 -7.73
N THR A 15 1.41 2.97 -8.39
CA THR A 15 2.32 3.88 -7.69
C THR A 15 1.73 5.26 -7.50
N LYS A 16 0.54 5.54 -8.06
CA LYS A 16 -0.19 6.78 -7.82
C LYS A 16 -1.65 6.44 -7.60
N ALA A 17 -2.46 7.47 -7.32
CA ALA A 17 -3.85 7.26 -6.92
C ALA A 17 -4.57 6.33 -7.87
N VAL A 18 -5.25 5.35 -7.30
CA VAL A 18 -6.24 4.58 -8.07
C VAL A 18 -7.50 5.42 -8.28
N SER A 19 -8.11 5.26 -9.45
CA SER A 19 -9.33 5.95 -9.77
C SER A 19 -10.54 5.04 -9.92
N SER A 20 -10.34 3.77 -10.23
CA SER A 20 -11.49 2.94 -10.55
C SER A 20 -11.07 1.48 -10.42
N VAL A 21 -11.98 0.64 -9.92
CA VAL A 21 -11.86 -0.81 -10.00
C VAL A 21 -13.17 -1.40 -10.54
N LYS A 22 -13.04 -2.46 -11.33
CA LYS A 22 -14.19 -3.07 -12.02
C LYS A 22 -13.95 -4.55 -12.16
N PHE A 23 -14.93 -5.38 -11.80
CA PHE A 23 -14.84 -6.82 -12.05
C PHE A 23 -15.32 -7.13 -13.46
N SER A 24 -14.62 -8.06 -14.11
CA SER A 24 -15.08 -8.49 -15.41
C SER A 24 -16.43 -9.20 -15.29
N PRO A 25 -17.28 -9.10 -16.31
CA PRO A 25 -18.59 -9.76 -16.23
C PRO A 25 -18.51 -11.27 -16.10
N ASN A 26 -17.43 -11.90 -16.57
CA ASN A 26 -17.34 -13.34 -16.42
C ASN A 26 -16.77 -13.76 -15.05
N GLY A 27 -16.56 -12.81 -14.14
CA GLY A 27 -16.09 -13.11 -12.79
C GLY A 27 -14.62 -13.41 -12.63
N GLU A 28 -13.84 -13.46 -13.72
CA GLU A 28 -12.46 -13.95 -13.58
C GLU A 28 -11.49 -12.87 -13.12
N TRP A 29 -11.74 -11.60 -13.43
CA TRP A 29 -10.72 -10.56 -13.31
C TRP A 29 -11.24 -9.32 -12.60
N LEU A 30 -10.31 -8.62 -11.96
CA LEU A 30 -10.48 -7.24 -11.55
C LEU A 30 -9.57 -6.37 -12.40
N ALA A 31 -10.09 -5.28 -12.96
CA ALA A 31 -9.26 -4.29 -13.62
C ALA A 31 -9.21 -3.04 -12.74
N SER A 32 -8.04 -2.41 -12.65
CA SER A 32 -7.91 -1.15 -11.93
C SER A 32 -7.23 -0.11 -12.83
N SER A 33 -7.55 1.16 -12.61
CA SER A 33 -6.90 2.24 -13.35
C SER A 33 -6.32 3.24 -12.37
N SER A 34 -5.32 4.00 -12.83
CA SER A 34 -4.64 4.86 -11.85
C SER A 34 -4.08 6.10 -12.52
N ALA A 35 -3.78 7.12 -11.68
CA ALA A 35 -3.03 8.29 -12.11
C ALA A 35 -1.61 7.95 -12.55
N ASP A 36 -1.13 6.71 -12.30
CA ASP A 36 0.16 6.28 -12.81
C ASP A 36 0.13 5.90 -14.30
N LYS A 37 -0.98 6.15 -15.02
CA LYS A 37 -1.11 5.99 -16.48
C LYS A 37 -1.34 4.53 -16.84
N LEU A 38 -1.51 3.65 -15.86
CA LEU A 38 -1.60 2.21 -16.11
C LEU A 38 -2.96 1.65 -15.75
N ILE A 39 -3.32 0.61 -16.51
CA ILE A 39 -4.37 -0.33 -16.14
C ILE A 39 -3.67 -1.56 -15.60
N LYS A 40 -4.17 -2.12 -14.50
CA LYS A 40 -3.65 -3.39 -14.01
C LYS A 40 -4.79 -4.40 -13.94
N ILE A 41 -4.47 -5.65 -14.27
CA ILE A 41 -5.39 -6.78 -14.23
C ILE A 41 -4.94 -7.72 -13.12
N TRP A 42 -5.92 -8.17 -12.32
CA TRP A 42 -5.71 -8.98 -11.13
C TRP A 42 -6.71 -10.13 -11.11
N GLY A 43 -6.30 -11.27 -10.55
CA GLY A 43 -7.24 -12.38 -10.44
C GLY A 43 -8.34 -12.06 -9.44
N ALA A 44 -9.60 -12.28 -9.84
CA ALA A 44 -10.71 -11.84 -9.01
C ALA A 44 -10.83 -12.63 -7.72
N TYR A 45 -10.40 -13.90 -7.71
CA TYR A 45 -10.68 -14.76 -6.55
C TYR A 45 -9.52 -14.86 -5.58
N ASP A 46 -8.29 -14.72 -6.06
CA ASP A 46 -7.11 -14.77 -5.22
C ASP A 46 -6.29 -13.48 -5.23
N GLY A 47 -6.71 -12.47 -5.99
CA GLY A 47 -5.99 -11.21 -6.04
C GLY A 47 -4.60 -11.27 -6.64
N LYS A 48 -4.25 -12.29 -7.43
CA LYS A 48 -2.89 -12.38 -7.99
C LYS A 48 -2.73 -11.40 -9.14
N PHE A 49 -1.66 -10.59 -9.09
CA PHE A 49 -1.41 -9.66 -10.18
C PHE A 49 -1.20 -10.42 -11.48
N GLU A 50 -1.94 -10.01 -12.51
CA GLU A 50 -1.84 -10.66 -13.81
C GLU A 50 -0.95 -9.84 -14.74
N LYS A 51 -1.32 -8.59 -15.02
CA LYS A 51 -0.45 -7.82 -15.91
C LYS A 51 -0.84 -6.35 -15.96
N THR A 52 0.09 -5.55 -16.47
CA THR A 52 -0.09 -4.13 -16.72
C THR A 52 -0.46 -3.93 -18.19
N ILE A 53 -1.41 -3.03 -18.44
CA ILE A 53 -1.73 -2.59 -19.79
C ILE A 53 -1.40 -1.08 -19.87
N SER A 54 -0.46 -0.73 -20.74
CA SER A 54 0.15 0.59 -20.79
C SER A 54 -0.06 1.20 -22.17
N GLY A 55 -0.05 2.53 -22.21
CA GLY A 55 -0.13 3.24 -23.46
C GLY A 55 -0.68 4.64 -23.30
N HIS A 56 -1.52 4.86 -22.30
CA HIS A 56 -1.96 6.24 -22.08
C HIS A 56 -0.77 7.12 -21.70
N LYS A 57 -0.86 8.41 -22.08
CA LYS A 57 0.23 9.34 -21.85
C LYS A 57 0.10 10.10 -20.54
N LEU A 58 -1.07 10.05 -19.90
CA LEU A 58 -1.35 10.71 -18.63
C LEU A 58 -2.27 9.80 -17.84
N GLY A 59 -2.64 10.24 -16.63
CA GLY A 59 -3.41 9.38 -15.74
C GLY A 59 -4.77 8.99 -16.31
N ILE A 60 -5.29 7.91 -15.76
CA ILE A 60 -6.55 7.30 -16.20
C ILE A 60 -7.59 7.48 -15.09
N SER A 61 -8.78 7.94 -15.47
CA SER A 61 -9.85 8.19 -14.51
C SER A 61 -10.84 7.03 -14.41
N ASP A 62 -10.91 6.19 -15.44
CA ASP A 62 -11.96 5.18 -15.46
C ASP A 62 -11.56 4.07 -16.44
N VAL A 63 -12.07 2.86 -16.18
CA VAL A 63 -11.92 1.70 -17.05
C VAL A 63 -13.22 0.91 -16.96
N ALA A 64 -13.58 0.21 -18.03
CA ALA A 64 -14.85 -0.50 -18.09
C ALA A 64 -14.69 -1.71 -19.01
N TRP A 65 -15.36 -2.80 -18.67
CA TRP A 65 -15.32 -4.05 -19.43
C TRP A 65 -16.42 -4.12 -20.47
N SER A 66 -16.13 -4.81 -21.56
CA SER A 66 -17.20 -5.18 -22.46
C SER A 66 -17.98 -6.35 -21.87
N SER A 67 -19.19 -6.57 -22.42
N SER A 67 -19.20 -6.57 -22.37
CA SER A 67 -20.11 -7.56 -21.85
CA SER A 67 -20.05 -7.53 -21.68
C SER A 67 -19.53 -8.96 -21.83
C SER A 67 -19.56 -8.98 -21.83
N ASP A 68 -18.72 -9.30 -22.82
CA ASP A 68 -18.13 -10.63 -22.94
C ASP A 68 -16.75 -10.72 -22.25
N SER A 69 -16.35 -9.70 -21.52
CA SER A 69 -15.08 -9.66 -20.79
C SER A 69 -13.85 -9.64 -21.70
N ASN A 70 -14.01 -9.51 -23.01
CA ASN A 70 -12.87 -9.57 -23.92
C ASN A 70 -12.16 -8.23 -24.08
N LEU A 71 -12.88 -7.12 -23.92
CA LEU A 71 -12.33 -5.80 -24.13
C LEU A 71 -12.41 -4.96 -22.87
N LEU A 72 -11.49 -3.99 -22.77
CA LEU A 72 -11.58 -2.89 -21.82
C LEU A 72 -11.60 -1.58 -22.58
N VAL A 73 -12.26 -0.56 -22.03
CA VAL A 73 -12.12 0.82 -22.50
C VAL A 73 -11.65 1.66 -21.31
N SER A 74 -10.72 2.57 -21.56
CA SER A 74 -10.18 3.42 -20.52
C SER A 74 -10.30 4.88 -20.96
N ALA A 75 -10.40 5.78 -19.96
CA ALA A 75 -10.64 7.21 -20.18
C ALA A 75 -9.50 7.96 -19.51
N SER A 76 -8.79 8.82 -20.24
CA SER A 76 -7.56 9.37 -19.67
C SER A 76 -7.50 10.90 -19.75
N ASP A 77 -6.67 11.46 -18.87
CA ASP A 77 -6.32 12.87 -18.97
C ASP A 77 -5.60 13.21 -20.27
N ASP A 78 -5.12 12.22 -21.03
CA ASP A 78 -4.50 12.55 -22.31
C ASP A 78 -5.55 12.84 -23.39
N LYS A 79 -6.82 12.90 -22.97
CA LYS A 79 -7.98 13.34 -23.74
C LYS A 79 -8.40 12.27 -24.72
N THR A 80 -7.90 11.05 -24.55
CA THR A 80 -8.33 9.92 -25.35
C THR A 80 -9.04 8.87 -24.50
N LEU A 81 -9.77 8.01 -25.22
CA LEU A 81 -10.10 6.70 -24.71
C LEU A 81 -9.32 5.67 -25.49
N LYS A 82 -9.05 4.54 -24.87
CA LYS A 82 -8.41 3.44 -25.59
C LYS A 82 -9.25 2.18 -25.41
N ILE A 83 -9.39 1.42 -26.49
CA ILE A 83 -10.03 0.11 -26.47
C ILE A 83 -8.93 -0.91 -26.55
N TRP A 84 -8.95 -1.84 -25.58
CA TRP A 84 -7.91 -2.84 -25.38
C TRP A 84 -8.47 -4.25 -25.51
N ASP A 85 -7.72 -5.10 -26.18
CA ASP A 85 -7.98 -6.54 -26.16
C ASP A 85 -7.29 -7.08 -24.91
N VAL A 86 -8.07 -7.56 -23.96
CA VAL A 86 -7.50 -7.85 -22.65
C VAL A 86 -6.52 -9.01 -22.71
N SER A 87 -6.85 -10.05 -23.49
N SER A 87 -6.85 -10.05 -23.48
N SER A 87 -6.84 -10.05 -23.49
CA SER A 87 -6.03 -11.25 -23.52
CA SER A 87 -6.01 -11.24 -23.48
CA SER A 87 -6.01 -11.25 -23.51
C SER A 87 -4.63 -10.98 -24.08
C SER A 87 -4.62 -10.98 -24.07
C SER A 87 -4.63 -10.97 -24.08
N SER A 88 -4.54 -10.15 -25.11
CA SER A 88 -3.25 -9.87 -25.73
C SER A 88 -2.59 -8.59 -25.19
N GLY A 89 -3.36 -7.73 -24.62
CA GLY A 89 -2.91 -6.45 -24.17
C GLY A 89 -2.88 -5.36 -25.23
N LYS A 90 -3.26 -5.68 -26.43
CA LYS A 90 -3.19 -4.78 -27.56
C LYS A 90 -4.15 -3.60 -27.47
N CYS A 91 -3.74 -2.43 -27.95
CA CYS A 91 -4.62 -1.29 -28.01
C CYS A 91 -5.22 -1.40 -29.40
N LEU A 92 -6.51 -1.72 -29.42
CA LEU A 92 -7.21 -1.87 -30.68
C LEU A 92 -7.48 -0.52 -31.32
N LYS A 93 -7.89 0.46 -30.51
CA LYS A 93 -8.25 1.76 -31.07
C LYS A 93 -7.95 2.82 -30.03
N THR A 94 -7.57 4.02 -30.50
CA THR A 94 -7.53 5.20 -29.66
C THR A 94 -8.58 6.19 -30.15
N LEU A 95 -9.48 6.56 -29.26
CA LEU A 95 -10.65 7.39 -29.58
C LEU A 95 -10.30 8.83 -29.26
N LYS A 96 -10.13 9.63 -30.32
CA LYS A 96 -9.75 11.02 -30.20
C LYS A 96 -10.91 11.89 -30.65
N GLY A 97 -11.28 12.85 -29.83
CA GLY A 97 -12.40 13.71 -30.17
C GLY A 97 -12.65 14.72 -29.08
N HIS A 98 -12.62 14.25 -27.83
CA HIS A 98 -12.84 15.15 -26.71
C HIS A 98 -11.76 16.23 -26.70
N SER A 99 -12.13 17.40 -26.25
CA SER A 99 -11.19 18.51 -26.21
C SER A 99 -10.58 18.72 -24.83
N ASN A 100 -10.90 17.89 -23.85
CA ASN A 100 -10.31 17.98 -22.52
C ASN A 100 -10.31 16.58 -21.93
N TYR A 101 -9.84 16.47 -20.68
CA TYR A 101 -9.69 15.17 -20.02
C TYR A 101 -10.95 14.33 -20.16
N VAL A 102 -10.78 13.03 -20.43
CA VAL A 102 -11.90 12.09 -20.43
C VAL A 102 -12.02 11.48 -19.02
N PHE A 103 -13.20 11.56 -18.43
N PHE A 103 -13.22 11.53 -18.44
CA PHE A 103 -13.39 11.21 -17.04
CA PHE A 103 -13.43 11.23 -17.03
C PHE A 103 -14.11 9.87 -16.81
C PHE A 103 -14.22 9.96 -16.76
N CYS A 104 -14.96 9.44 -17.74
CA CYS A 104 -15.79 8.27 -17.52
C CYS A 104 -16.07 7.59 -18.85
N CYS A 105 -16.38 6.30 -18.79
CA CYS A 105 -16.62 5.50 -19.98
C CYS A 105 -17.38 4.22 -19.66
N ASN A 106 -18.10 3.72 -20.66
CA ASN A 106 -18.78 2.44 -20.54
C ASN A 106 -19.12 1.93 -21.93
N PHE A 107 -19.16 0.61 -22.08
CA PHE A 107 -19.73 -0.02 -23.25
C PHE A 107 -21.24 -0.08 -23.11
N ASN A 108 -21.94 -0.16 -24.25
CA ASN A 108 -23.35 -0.52 -24.18
C ASN A 108 -23.46 -2.03 -24.00
N PRO A 109 -24.65 -2.57 -23.69
CA PRO A 109 -24.75 -4.00 -23.42
C PRO A 109 -24.32 -4.86 -24.59
N GLN A 110 -24.56 -4.46 -25.84
N GLN A 110 -24.55 -4.41 -25.82
CA GLN A 110 -24.03 -5.26 -26.93
CA GLN A 110 -24.10 -5.11 -27.02
C GLN A 110 -22.55 -5.06 -27.15
C GLN A 110 -22.61 -4.95 -27.25
N SER A 111 -21.97 -4.03 -26.54
CA SER A 111 -20.56 -3.71 -26.68
C SER A 111 -20.15 -3.37 -28.11
N ASN A 112 -21.09 -2.83 -28.90
CA ASN A 112 -20.76 -2.21 -30.18
C ASN A 112 -20.57 -0.70 -30.08
N LEU A 113 -20.95 -0.07 -28.97
CA LEU A 113 -20.77 1.36 -28.76
C LEU A 113 -20.08 1.57 -27.42
N ILE A 114 -19.42 2.71 -27.32
CA ILE A 114 -18.88 3.23 -26.06
C ILE A 114 -19.45 4.61 -25.85
N VAL A 115 -19.78 4.93 -24.61
CA VAL A 115 -20.14 6.27 -24.21
C VAL A 115 -19.02 6.81 -23.33
N SER A 116 -18.72 8.10 -23.48
CA SER A 116 -17.69 8.76 -22.68
C SER A 116 -18.22 10.10 -22.18
N GLY A 117 -17.65 10.57 -21.09
CA GLY A 117 -17.90 11.87 -20.51
C GLY A 117 -16.56 12.55 -20.24
N SER A 118 -16.56 13.85 -20.42
CA SER A 118 -15.39 14.59 -20.34
C SER A 118 -15.44 15.98 -19.49
N PHE A 119 -14.29 16.53 -19.07
N PHE A 119 -14.28 16.53 -19.08
CA PHE A 119 -14.15 17.83 -18.53
CA PHE A 119 -14.16 17.85 -18.56
C PHE A 119 -14.60 18.83 -19.56
C PHE A 119 -14.60 18.84 -19.57
N ASP A 120 -14.60 18.46 -20.81
CA ASP A 120 -15.13 19.33 -21.90
C ASP A 120 -16.63 19.55 -21.87
N GLU A 121 -17.30 18.96 -20.89
CA GLU A 121 -18.75 19.17 -20.72
C GLU A 121 -19.64 18.43 -21.71
N SER A 122 -19.06 17.50 -22.45
CA SER A 122 -19.80 16.75 -23.40
C SER A 122 -19.83 15.25 -23.11
N VAL A 123 -20.82 14.61 -23.72
CA VAL A 123 -20.93 13.16 -23.77
C VAL A 123 -20.73 12.74 -25.22
N ARG A 124 -19.88 11.74 -25.46
N ARG A 124 -19.88 11.74 -25.46
CA ARG A 124 -19.65 11.27 -26.82
CA ARG A 124 -19.66 11.27 -26.82
C ARG A 124 -20.02 9.80 -26.93
C ARG A 124 -20.00 9.79 -26.93
N ILE A 125 -20.46 9.41 -28.12
CA ILE A 125 -20.85 8.05 -28.43
C ILE A 125 -20.00 7.60 -29.60
N TRP A 126 -19.32 6.45 -29.43
CA TRP A 126 -18.28 5.97 -30.33
C TRP A 126 -18.61 4.58 -30.82
N ASP A 127 -18.27 4.33 -32.09
CA ASP A 127 -18.35 3.00 -32.64
C ASP A 127 -17.14 2.18 -32.23
N VAL A 128 -17.38 1.01 -31.62
CA VAL A 128 -16.27 0.18 -31.12
C VAL A 128 -15.41 -0.36 -32.28
N LYS A 129 -16.03 -0.82 -33.37
CA LYS A 129 -15.26 -1.51 -34.40
C LYS A 129 -14.37 -0.53 -35.15
N THR A 130 -14.87 0.66 -35.43
CA THR A 130 -14.11 1.64 -36.21
C THR A 130 -13.38 2.64 -35.35
N GLY A 131 -13.76 2.80 -34.08
CA GLY A 131 -13.11 3.75 -33.20
C GLY A 131 -13.46 5.19 -33.47
N LYS A 132 -14.53 5.43 -34.21
CA LYS A 132 -14.90 6.78 -34.64
C LYS A 132 -16.07 7.31 -33.81
N CYS A 133 -16.06 8.62 -33.61
CA CYS A 133 -17.10 9.30 -32.87
C CYS A 133 -18.35 9.41 -33.71
N LEU A 134 -19.47 8.91 -33.21
CA LEU A 134 -20.74 8.91 -33.90
C LEU A 134 -21.57 10.11 -33.52
N LYS A 135 -21.50 10.52 -32.26
CA LYS A 135 -22.35 11.61 -31.82
C LYS A 135 -21.68 12.33 -30.68
N THR A 136 -21.84 13.66 -30.64
CA THR A 136 -21.40 14.49 -29.51
C THR A 136 -22.60 15.21 -28.94
N LEU A 137 -22.88 15.01 -27.63
CA LEU A 137 -23.99 15.62 -26.92
C LEU A 137 -23.48 16.78 -26.08
N PRO A 138 -24.04 17.98 -26.26
CA PRO A 138 -23.64 19.16 -25.44
C PRO A 138 -24.38 19.04 -24.11
N ALA A 139 -23.87 18.15 -23.28
CA ALA A 139 -24.66 17.50 -22.24
C ALA A 139 -24.80 18.33 -20.97
N HIS A 140 -23.76 19.07 -20.60
CA HIS A 140 -23.68 19.62 -19.25
C HIS A 140 -22.95 20.96 -19.32
N SER A 141 -22.91 21.67 -18.17
CA SER A 141 -22.20 22.95 -18.09
C SER A 141 -21.02 22.89 -17.13
N ASP A 142 -20.54 21.69 -16.87
CA ASP A 142 -19.40 21.42 -16.01
C ASP A 142 -18.94 20.02 -16.38
N PRO A 143 -17.79 19.58 -15.85
CA PRO A 143 -17.27 18.26 -16.21
C PRO A 143 -18.29 17.15 -15.97
N VAL A 144 -18.29 16.18 -16.88
CA VAL A 144 -19.18 15.02 -16.82
C VAL A 144 -18.50 13.93 -16.00
N SER A 145 -19.13 13.53 -14.90
CA SER A 145 -18.51 12.63 -13.93
C SER A 145 -18.83 11.16 -14.17
N ALA A 146 -19.96 10.84 -14.82
CA ALA A 146 -20.26 9.43 -15.09
C ALA A 146 -21.16 9.35 -16.30
N VAL A 147 -21.09 8.21 -17.00
CA VAL A 147 -21.96 7.89 -18.14
C VAL A 147 -22.25 6.39 -18.10
N HIS A 148 -23.50 6.01 -18.41
CA HIS A 148 -23.88 4.61 -18.32
C HIS A 148 -25.05 4.34 -19.25
N PHE A 149 -25.04 3.19 -19.92
CA PHE A 149 -26.18 2.80 -20.74
C PHE A 149 -27.20 2.04 -19.91
N ASN A 150 -28.47 2.11 -20.34
CA ASN A 150 -29.51 1.33 -19.69
C ASN A 150 -29.54 -0.12 -20.22
N ARG A 151 -30.53 -0.85 -19.77
CA ARG A 151 -30.56 -2.28 -20.05
C ARG A 151 -30.46 -2.75 -21.48
N ASP A 152 -31.15 -2.05 -22.33
CA ASP A 152 -31.13 -2.42 -23.75
C ASP A 152 -30.29 -1.48 -24.59
N GLY A 153 -29.63 -0.51 -23.99
CA GLY A 153 -28.78 0.39 -24.72
C GLY A 153 -29.50 1.58 -25.33
N SER A 154 -30.82 1.69 -25.18
CA SER A 154 -31.54 2.76 -25.85
C SER A 154 -31.44 4.10 -25.14
N LEU A 155 -30.99 4.13 -23.88
CA LEU A 155 -30.82 5.36 -23.11
C LEU A 155 -29.42 5.40 -22.52
N ILE A 156 -28.94 6.64 -22.33
CA ILE A 156 -27.71 6.94 -21.59
C ILE A 156 -28.09 7.82 -20.41
N VAL A 157 -27.52 7.54 -19.25
CA VAL A 157 -27.58 8.48 -18.13
C VAL A 157 -26.20 9.12 -17.96
N SER A 158 -26.20 10.43 -17.74
CA SER A 158 -24.96 11.15 -17.45
C SER A 158 -25.13 11.95 -16.17
N SER A 159 -24.03 12.20 -15.47
CA SER A 159 -24.03 13.07 -14.31
C SER A 159 -22.90 14.09 -14.46
N SER A 160 -23.05 15.21 -13.75
CA SER A 160 -22.07 16.29 -13.88
C SER A 160 -21.92 17.06 -12.58
N TYR A 161 -20.75 17.68 -12.41
CA TYR A 161 -20.54 18.62 -11.33
C TYR A 161 -21.47 19.82 -11.41
N ASP A 162 -22.17 20.01 -12.53
CA ASP A 162 -23.20 21.03 -12.61
C ASP A 162 -24.45 20.69 -11.78
N GLY A 163 -24.49 19.50 -11.14
CA GLY A 163 -25.58 19.18 -10.25
C GLY A 163 -26.70 18.40 -10.91
N LEU A 164 -26.56 18.08 -12.18
CA LEU A 164 -27.62 17.43 -12.92
C LEU A 164 -27.33 15.97 -13.20
N CYS A 165 -28.39 15.14 -13.21
N CYS A 165 -28.42 15.21 -13.25
CA CYS A 165 -28.37 13.87 -13.91
CA CYS A 165 -28.43 13.90 -13.86
C CYS A 165 -29.27 14.03 -15.12
C CYS A 165 -29.32 13.95 -15.09
N ARG A 166 -28.81 13.54 -16.26
CA ARG A 166 -29.61 13.65 -17.47
C ARG A 166 -29.74 12.31 -18.17
N ILE A 167 -30.89 12.10 -18.79
CA ILE A 167 -31.19 10.89 -19.55
C ILE A 167 -31.31 11.28 -21.02
N TRP A 168 -30.58 10.55 -21.86
CA TRP A 168 -30.40 10.84 -23.27
C TRP A 168 -30.90 9.69 -24.09
N ASP A 169 -31.57 10.00 -25.19
CA ASP A 169 -31.92 8.98 -26.17
C ASP A 169 -30.69 8.64 -27.00
N THR A 170 -30.23 7.39 -26.93
CA THR A 170 -29.01 7.04 -27.66
C THR A 170 -29.10 7.36 -29.14
N ALA A 171 -30.24 7.04 -29.78
CA ALA A 171 -30.34 7.16 -31.24
C ALA A 171 -30.47 8.61 -31.69
N SER A 172 -31.26 9.42 -30.99
CA SER A 172 -31.53 10.78 -31.43
C SER A 172 -30.65 11.82 -30.74
N GLY A 173 -30.11 11.51 -29.59
CA GLY A 173 -29.35 12.49 -28.84
C GLY A 173 -30.19 13.44 -28.03
N GLN A 174 -31.52 13.32 -28.05
CA GLN A 174 -32.36 14.25 -27.32
C GLN A 174 -32.17 14.08 -25.82
N CYS A 175 -32.15 15.21 -25.08
CA CYS A 175 -32.19 15.18 -23.63
C CYS A 175 -33.61 14.89 -23.19
N LEU A 176 -33.85 13.68 -22.68
CA LEU A 176 -35.20 13.27 -22.32
C LEU A 176 -35.60 13.66 -20.91
N LYS A 177 -34.64 13.69 -19.99
CA LYS A 177 -34.97 13.96 -18.58
C LYS A 177 -33.80 14.65 -17.92
N THR A 178 -34.13 15.51 -16.95
CA THR A 178 -33.14 16.05 -16.02
C THR A 178 -33.65 15.82 -14.61
N LEU A 179 -32.82 15.20 -13.77
CA LEU A 179 -33.16 14.92 -12.38
C LEU A 179 -32.32 15.78 -11.47
N ILE A 180 -33.01 16.42 -10.52
CA ILE A 180 -32.43 17.27 -9.50
C ILE A 180 -33.42 17.37 -8.33
N ASP A 181 -32.90 17.47 -7.11
CA ASP A 181 -33.79 17.34 -5.94
C ASP A 181 -33.93 18.61 -5.07
N ASP A 182 -34.36 19.72 -5.67
CA ASP A 182 -34.61 21.00 -4.98
C ASP A 182 -33.34 21.61 -4.39
N ASP A 183 -32.20 21.14 -4.87
CA ASP A 183 -30.89 21.62 -4.49
C ASP A 183 -29.96 21.03 -5.53
N ASN A 184 -28.81 21.68 -5.79
CA ASN A 184 -27.91 21.15 -6.81
C ASN A 184 -26.48 21.05 -6.30
N PRO A 185 -26.22 20.15 -5.36
CA PRO A 185 -24.83 19.73 -5.13
C PRO A 185 -24.28 19.06 -6.36
N PRO A 186 -22.97 19.12 -6.56
CA PRO A 186 -22.34 18.38 -7.66
C PRO A 186 -22.70 16.90 -7.63
N VAL A 187 -22.95 16.32 -8.81
CA VAL A 187 -23.21 14.89 -8.92
C VAL A 187 -21.92 14.25 -9.41
N SER A 188 -21.41 13.30 -8.64
CA SER A 188 -20.12 12.70 -8.92
C SER A 188 -20.22 11.31 -9.52
N PHE A 189 -21.41 10.71 -9.52
CA PHE A 189 -21.56 9.37 -10.06
C PHE A 189 -23.03 9.11 -10.34
N VAL A 190 -23.30 8.33 -11.39
CA VAL A 190 -24.66 7.83 -11.64
C VAL A 190 -24.54 6.53 -12.41
N LYS A 191 -25.52 5.65 -12.20
CA LYS A 191 -25.63 4.44 -13.03
C LYS A 191 -27.07 3.93 -12.96
N PHE A 192 -27.50 3.24 -14.02
CA PHE A 192 -28.79 2.56 -14.01
C PHE A 192 -28.75 1.36 -13.07
N SER A 193 -29.91 1.05 -12.48
CA SER A 193 -30.03 -0.06 -11.54
C SER A 193 -30.00 -1.39 -12.30
N PRO A 194 -29.79 -2.48 -11.58
CA PRO A 194 -29.76 -3.79 -12.24
C PRO A 194 -31.00 -4.10 -13.05
N ASN A 195 -32.18 -3.73 -12.58
CA ASN A 195 -33.38 -4.00 -13.36
C ASN A 195 -33.72 -2.87 -14.32
N GLY A 196 -32.92 -1.82 -14.38
CA GLY A 196 -33.10 -0.83 -15.40
C GLY A 196 -34.10 0.26 -15.09
N LYS A 197 -34.84 0.16 -13.97
CA LYS A 197 -35.92 1.08 -13.68
C LYS A 197 -35.46 2.33 -12.97
N TYR A 198 -34.30 2.27 -12.32
CA TYR A 198 -33.86 3.33 -11.43
C TYR A 198 -32.48 3.78 -11.85
N ILE A 199 -32.10 4.96 -11.35
CA ILE A 199 -30.70 5.36 -11.39
C ILE A 199 -30.22 5.63 -9.98
N LEU A 200 -28.99 5.23 -9.69
CA LEU A 200 -28.35 5.53 -8.41
C LEU A 200 -27.34 6.65 -8.63
N ALA A 201 -27.44 7.73 -7.85
CA ALA A 201 -26.61 8.90 -8.04
C ALA A 201 -25.93 9.29 -6.74
N ALA A 202 -24.65 9.64 -6.83
CA ALA A 202 -23.90 10.14 -5.69
C ALA A 202 -23.75 11.64 -5.84
N THR A 203 -24.00 12.39 -4.78
CA THR A 203 -23.73 13.84 -4.79
C THR A 203 -22.74 14.19 -3.69
N LEU A 204 -22.01 15.29 -3.90
CA LEU A 204 -20.91 15.67 -2.99
C LEU A 204 -21.40 16.46 -1.77
N ASP A 205 -22.55 16.02 -1.26
CA ASP A 205 -23.09 16.40 0.02
C ASP A 205 -23.35 15.14 0.86
N ASN A 206 -22.49 14.14 0.74
CA ASN A 206 -22.55 12.94 1.59
C ASN A 206 -23.85 12.15 1.40
N THR A 207 -24.34 12.07 0.17
CA THR A 207 -25.64 11.46 -0.10
C THR A 207 -25.64 10.61 -1.36
N LEU A 208 -26.25 9.42 -1.27
CA LEU A 208 -26.62 8.61 -2.42
C LEU A 208 -28.12 8.63 -2.56
N LYS A 209 -28.62 8.72 -3.79
CA LYS A 209 -30.06 8.76 -4.05
C LYS A 209 -30.42 7.77 -5.14
N LEU A 210 -31.53 7.06 -4.95
CA LEU A 210 -32.06 6.13 -5.93
C LEU A 210 -33.33 6.74 -6.50
N TRP A 211 -33.30 7.02 -7.80
CA TRP A 211 -34.36 7.73 -8.52
C TRP A 211 -35.13 6.79 -9.41
N ASP A 212 -36.45 6.97 -9.44
CA ASP A 212 -37.22 6.53 -10.59
C ASP A 212 -37.12 7.62 -11.64
N TYR A 213 -36.34 7.41 -12.72
CA TYR A 213 -36.04 8.53 -13.61
C TYR A 213 -37.18 8.84 -14.56
N SER A 214 -38.07 7.88 -14.83
N SER A 214 -38.07 7.87 -14.82
CA SER A 214 -39.22 8.15 -15.69
CA SER A 214 -39.23 8.11 -15.67
C SER A 214 -40.25 9.00 -14.97
C SER A 214 -40.26 8.97 -14.97
N LYS A 215 -40.50 8.70 -13.69
CA LYS A 215 -41.42 9.48 -12.88
C LYS A 215 -40.74 10.69 -12.23
N GLY A 216 -39.42 10.76 -12.28
CA GLY A 216 -38.74 11.88 -11.65
C GLY A 216 -38.87 11.92 -10.14
N LYS A 217 -38.85 10.77 -9.48
CA LYS A 217 -39.08 10.69 -8.05
C LYS A 217 -37.86 10.06 -7.38
N CYS A 218 -37.39 10.68 -6.31
CA CYS A 218 -36.37 10.07 -5.50
C CYS A 218 -37.03 9.09 -4.54
N LEU A 219 -36.69 7.81 -4.66
CA LEU A 219 -37.34 6.75 -3.90
C LEU A 219 -36.58 6.37 -2.65
N LYS A 220 -35.24 6.49 -2.68
CA LYS A 220 -34.44 6.12 -1.51
C LYS A 220 -33.26 7.08 -1.41
N THR A 221 -32.82 7.35 -0.18
CA THR A 221 -31.52 7.99 0.04
C THR A 221 -30.71 7.15 1.01
N TYR A 222 -29.38 7.16 0.82
CA TYR A 222 -28.44 6.40 1.64
C TYR A 222 -27.45 7.40 2.17
N THR A 223 -27.34 7.48 3.49
CA THR A 223 -26.49 8.47 4.13
C THR A 223 -25.73 7.80 5.26
N GLY A 224 -24.76 8.53 5.79
CA GLY A 224 -23.91 8.07 6.87
C GLY A 224 -22.45 8.01 6.54
N HIS A 225 -22.11 8.03 5.25
CA HIS A 225 -20.73 8.05 4.75
C HIS A 225 -20.28 9.50 4.58
N LYS A 226 -19.02 9.67 4.17
CA LYS A 226 -18.47 11.00 3.95
C LYS A 226 -18.08 11.10 2.49
N ASN A 227 -18.64 12.07 1.78
CA ASN A 227 -18.32 12.24 0.36
C ASN A 227 -18.64 13.71 0.00
N GLU A 228 -17.63 14.56 0.13
CA GLU A 228 -17.72 15.96 -0.22
C GLU A 228 -16.71 16.38 -1.29
N LYS A 229 -15.82 15.50 -1.74
CA LYS A 229 -14.76 15.95 -2.62
C LYS A 229 -14.52 15.00 -3.79
N TYR A 230 -14.42 13.71 -3.53
CA TYR A 230 -13.90 12.79 -4.53
C TYR A 230 -15.01 12.07 -5.31
N CYS A 231 -14.61 11.59 -6.49
N CYS A 231 -14.66 11.62 -6.52
CA CYS A 231 -15.49 10.83 -7.38
CA CYS A 231 -15.64 10.91 -7.34
C CYS A 231 -15.55 9.38 -6.92
C CYS A 231 -15.60 9.44 -6.95
N ILE A 232 -16.50 9.06 -6.05
CA ILE A 232 -16.60 7.74 -5.45
C ILE A 232 -17.80 7.05 -6.07
N PHE A 233 -17.57 5.93 -6.75
CA PHE A 233 -18.69 5.23 -7.37
C PHE A 233 -19.54 4.58 -6.28
N ALA A 234 -20.76 4.20 -6.64
CA ALA A 234 -21.57 3.39 -5.76
C ALA A 234 -22.01 2.17 -6.56
N ASN A 235 -22.24 1.06 -5.84
CA ASN A 235 -22.56 -0.21 -6.48
C ASN A 235 -23.84 -0.79 -5.94
N PHE A 236 -24.49 -1.59 -6.77
CA PHE A 236 -25.54 -2.50 -6.36
C PHE A 236 -24.90 -3.86 -6.15
N SER A 237 -25.12 -4.47 -5.00
CA SER A 237 -24.66 -5.84 -4.73
C SER A 237 -25.84 -6.79 -4.94
N VAL A 238 -25.71 -7.66 -5.96
CA VAL A 238 -26.82 -8.45 -6.51
C VAL A 238 -26.65 -9.95 -6.28
N THR A 239 -25.58 -10.39 -5.64
CA THR A 239 -25.29 -11.82 -5.53
C THR A 239 -25.92 -12.47 -4.30
N GLY A 240 -26.04 -11.73 -3.22
CA GLY A 240 -26.61 -12.23 -1.99
C GLY A 240 -27.72 -11.32 -1.51
N GLY A 241 -27.58 -10.73 -0.34
CA GLY A 241 -28.53 -9.73 0.09
C GLY A 241 -28.46 -8.52 -0.81
N LYS A 242 -29.57 -7.79 -0.90
CA LYS A 242 -29.64 -6.63 -1.77
C LYS A 242 -29.04 -5.45 -1.04
N TRP A 243 -27.79 -5.12 -1.41
CA TRP A 243 -27.08 -4.03 -0.71
C TRP A 243 -26.70 -2.93 -1.68
N ILE A 244 -26.51 -1.71 -1.13
CA ILE A 244 -25.81 -0.61 -1.80
C ILE A 244 -24.43 -0.51 -1.17
N VAL A 245 -23.38 -0.38 -1.99
CA VAL A 245 -22.00 -0.36 -1.50
C VAL A 245 -21.32 0.91 -1.98
N SER A 246 -20.53 1.56 -1.11
CA SER A 246 -19.78 2.73 -1.56
C SER A 246 -18.50 2.90 -0.73
N GLY A 247 -17.48 3.51 -1.34
CA GLY A 247 -16.37 4.04 -0.57
C GLY A 247 -16.79 5.30 0.18
N SER A 248 -15.81 5.89 0.86
CA SER A 248 -16.09 7.01 1.75
C SER A 248 -14.78 7.71 2.12
N GLU A 249 -14.89 9.00 2.41
CA GLU A 249 -13.71 9.82 2.70
C GLU A 249 -13.27 9.71 4.15
N ASP A 250 -13.93 8.84 4.93
CA ASP A 250 -13.43 8.48 6.24
C ASP A 250 -12.77 7.11 6.25
N ASN A 251 -12.35 6.62 5.09
CA ASN A 251 -11.48 5.45 4.90
C ASN A 251 -12.20 4.13 5.10
N LEU A 252 -13.52 4.13 5.11
CA LEU A 252 -14.31 2.91 5.26
C LEU A 252 -15.10 2.62 3.99
N VAL A 253 -15.45 1.34 3.83
CA VAL A 253 -16.46 0.94 2.85
C VAL A 253 -17.79 0.87 3.59
N TYR A 254 -18.82 1.49 3.04
CA TYR A 254 -20.17 1.44 3.62
C TYR A 254 -21.05 0.48 2.83
N ILE A 255 -21.87 -0.27 3.56
CA ILE A 255 -22.83 -1.20 2.96
C ILE A 255 -24.18 -0.91 3.60
N TRP A 256 -25.20 -0.64 2.76
CA TRP A 256 -26.55 -0.33 3.22
C TRP A 256 -27.53 -1.39 2.74
N ASN A 257 -28.61 -1.54 3.50
CA ASN A 257 -29.77 -2.31 3.06
C ASN A 257 -30.52 -1.53 1.98
N LEU A 258 -30.70 -2.14 0.80
CA LEU A 258 -31.37 -1.46 -0.31
C LEU A 258 -32.73 -0.88 0.09
N GLN A 259 -33.54 -1.66 0.81
CA GLN A 259 -34.93 -1.31 1.05
C GLN A 259 -35.07 -0.40 2.26
N THR A 260 -34.39 -0.73 3.36
CA THR A 260 -34.55 0.02 4.60
C THR A 260 -33.64 1.22 4.70
N LYS A 261 -32.58 1.25 3.89
CA LYS A 261 -31.57 2.31 3.86
C LYS A 261 -30.68 2.36 5.10
N GLU A 262 -30.79 1.39 6.00
CA GLU A 262 -29.89 1.34 7.14
C GLU A 262 -28.51 0.83 6.74
N ILE A 263 -27.51 1.31 7.47
CA ILE A 263 -26.17 0.75 7.33
C ILE A 263 -26.16 -0.66 7.92
N VAL A 264 -25.68 -1.62 7.15
CA VAL A 264 -25.56 -2.99 7.62
C VAL A 264 -24.12 -3.41 7.84
N GLN A 265 -23.15 -2.73 7.25
CA GLN A 265 -21.76 -3.02 7.61
C GLN A 265 -20.85 -1.86 7.20
N LYS A 266 -19.72 -1.73 7.89
CA LYS A 266 -18.64 -0.81 7.52
C LYS A 266 -17.33 -1.57 7.54
N LEU A 267 -16.57 -1.52 6.44
CA LEU A 267 -15.37 -2.34 6.33
C LEU A 267 -14.19 -1.45 6.62
N GLN A 268 -13.40 -1.85 7.62
CA GLN A 268 -12.27 -1.11 8.15
C GLN A 268 -10.99 -1.80 7.72
N GLY A 269 -9.95 -0.99 7.45
CA GLY A 269 -8.65 -1.49 7.03
C GLY A 269 -7.86 -0.53 6.15
N HIS A 270 -8.51 0.21 5.25
CA HIS A 270 -7.79 1.22 4.48
C HIS A 270 -7.34 2.40 5.35
N THR A 271 -6.25 3.05 4.94
CA THR A 271 -5.65 4.14 5.70
C THR A 271 -5.83 5.48 5.00
N ASP A 272 -6.61 5.51 3.92
CA ASP A 272 -6.91 6.74 3.19
C ASP A 272 -8.30 6.55 2.58
N VAL A 273 -8.79 7.62 1.94
CA VAL A 273 -10.08 7.65 1.28
C VAL A 273 -10.27 6.40 0.46
N VAL A 274 -11.44 5.75 0.60
CA VAL A 274 -11.79 4.66 -0.29
C VAL A 274 -12.45 5.27 -1.52
N ILE A 275 -11.68 5.33 -2.60
CA ILE A 275 -12.06 6.04 -3.80
C ILE A 275 -12.97 5.22 -4.67
N SER A 276 -12.89 3.87 -4.59
CA SER A 276 -13.68 3.06 -5.51
C SER A 276 -14.00 1.70 -4.88
N THR A 277 -15.17 1.17 -5.23
CA THR A 277 -15.54 -0.19 -4.88
C THR A 277 -16.19 -0.85 -6.10
N ALA A 278 -16.18 -2.18 -6.11
CA ALA A 278 -16.90 -2.95 -7.12
C ALA A 278 -17.41 -4.24 -6.49
N CYS A 279 -18.49 -4.78 -7.05
CA CYS A 279 -19.10 -5.99 -6.53
C CYS A 279 -19.01 -7.08 -7.59
N HIS A 280 -18.57 -8.27 -7.18
CA HIS A 280 -18.35 -9.38 -8.09
C HIS A 280 -19.67 -9.89 -8.67
N PRO A 281 -19.71 -10.33 -9.94
CA PRO A 281 -21.00 -10.66 -10.55
C PRO A 281 -21.66 -11.94 -10.02
N THR A 282 -20.92 -12.87 -9.39
CA THR A 282 -21.54 -14.15 -8.98
C THR A 282 -21.25 -14.53 -7.53
N GLU A 283 -20.09 -14.14 -7.00
CA GLU A 283 -19.78 -14.39 -5.61
C GLU A 283 -19.97 -13.12 -4.79
N ASN A 284 -20.20 -13.29 -3.48
CA ASN A 284 -20.33 -12.16 -2.58
C ASN A 284 -18.92 -11.65 -2.24
N ILE A 285 -18.35 -10.90 -3.19
CA ILE A 285 -17.00 -10.36 -3.09
C ILE A 285 -17.06 -8.88 -3.42
N ILE A 286 -16.45 -8.05 -2.58
CA ILE A 286 -16.29 -6.61 -2.84
C ILE A 286 -14.82 -6.35 -3.05
N ALA A 287 -14.49 -5.55 -4.06
CA ALA A 287 -13.15 -4.95 -4.18
C ALA A 287 -13.24 -3.49 -3.77
N SER A 288 -12.25 -3.03 -3.01
CA SER A 288 -12.18 -1.63 -2.61
C SER A 288 -10.79 -1.08 -2.91
N ALA A 289 -10.71 0.21 -3.24
CA ALA A 289 -9.41 0.83 -3.52
C ALA A 289 -9.35 2.16 -2.79
N ALA A 290 -8.15 2.46 -2.25
CA ALA A 290 -7.92 3.69 -1.50
C ALA A 290 -6.94 4.60 -2.23
N LEU A 291 -6.95 5.88 -1.84
CA LEU A 291 -6.13 6.92 -2.45
C LEU A 291 -4.66 6.78 -2.03
N GLU A 292 -3.85 7.76 -2.43
N GLU A 292 -3.87 7.80 -2.39
CA GLU A 292 -2.42 7.50 -2.53
CA GLU A 292 -2.41 7.68 -2.52
C GLU A 292 -1.68 7.45 -1.20
C GLU A 292 -1.69 7.49 -1.20
N ASN A 293 -2.31 7.80 -0.07
CA ASN A 293 -1.61 7.57 1.20
C ASN A 293 -1.61 6.10 1.57
N ASP A 294 -2.49 5.30 0.95
CA ASP A 294 -2.73 3.88 1.21
C ASP A 294 -2.23 3.00 0.08
N LYS A 295 -2.71 3.21 -1.16
N LYS A 295 -2.72 3.21 -1.15
CA LYS A 295 -2.24 2.58 -2.38
CA LYS A 295 -2.26 2.59 -2.40
C LYS A 295 -2.53 1.08 -2.46
C LYS A 295 -2.64 1.12 -2.55
N THR A 296 -3.50 0.57 -1.70
CA THR A 296 -3.87 -0.83 -1.81
C THR A 296 -5.27 -1.00 -2.37
N ILE A 297 -5.50 -2.19 -2.87
CA ILE A 297 -6.83 -2.66 -3.28
C ILE A 297 -7.11 -3.87 -2.41
N LYS A 298 -8.32 -3.97 -1.86
CA LYS A 298 -8.64 -5.06 -0.96
C LYS A 298 -9.82 -5.85 -1.49
N LEU A 299 -9.80 -7.15 -1.24
CA LEU A 299 -10.86 -8.06 -1.65
C LEU A 299 -11.48 -8.62 -0.38
N TRP A 300 -12.79 -8.48 -0.26
CA TRP A 300 -13.55 -8.87 0.93
C TRP A 300 -14.59 -9.88 0.50
N LYS A 301 -14.83 -10.89 1.33
CA LYS A 301 -15.83 -11.91 1.00
C LYS A 301 -16.82 -12.12 2.13
N SER A 302 -18.06 -12.35 1.75
CA SER A 302 -19.15 -12.54 2.71
C SER A 302 -19.89 -13.86 2.42
N ASP A 303 -20.48 -14.44 3.46
N ASP A 303 -20.48 -14.44 3.46
CA ASP A 303 -21.30 -15.62 3.29
CA ASP A 303 -21.30 -15.63 3.28
C ASP A 303 -22.70 -15.32 2.76
C ASP A 303 -22.69 -15.32 2.75
N CYS A 304 -23.13 -14.07 2.82
CA CYS A 304 -24.46 -13.70 2.32
C CYS A 304 -24.49 -12.27 1.81
N VAL B 1 37.40 5.14 -5.53
CA VAL B 1 37.74 4.83 -4.14
C VAL B 1 36.91 3.65 -3.63
N LYS B 2 37.56 2.77 -2.87
CA LYS B 2 36.94 1.57 -2.32
C LYS B 2 37.52 1.32 -0.94
N PRO B 3 36.76 0.69 -0.05
CA PRO B 3 37.30 0.37 1.28
C PRO B 3 38.15 -0.88 1.20
N ASN B 4 38.81 -1.19 2.32
CA ASN B 4 39.61 -2.42 2.43
C ASN B 4 39.34 -3.06 3.79
N TYR B 5 38.08 -3.40 4.04
CA TYR B 5 37.71 -4.11 5.28
C TYR B 5 38.46 -5.42 5.38
N ALA B 6 39.09 -5.65 6.52
CA ALA B 6 39.73 -6.92 6.78
C ALA B 6 39.28 -7.47 8.13
N LEU B 7 39.24 -8.79 8.21
CA LEU B 7 38.74 -9.44 9.42
C LEU B 7 39.72 -9.23 10.57
N LYS B 8 39.18 -8.78 11.71
CA LYS B 8 39.99 -8.57 12.91
C LYS B 8 39.62 -9.49 14.06
N PHE B 9 38.32 -9.78 14.28
CA PHE B 9 37.92 -10.62 15.40
C PHE B 9 36.73 -11.45 14.99
N THR B 10 36.68 -12.68 15.49
CA THR B 10 35.49 -13.52 15.35
C THR B 10 34.98 -13.84 16.75
N LEU B 11 33.69 -13.63 16.95
CA LEU B 11 32.99 -13.76 18.22
C LEU B 11 32.03 -14.92 18.21
N ALA B 12 31.91 -15.69 19.27
CA ALA B 12 30.99 -16.77 19.34
C ALA B 12 30.46 -16.93 20.74
N GLY B 13 29.21 -17.34 20.87
CA GLY B 13 28.60 -17.51 22.17
C GLY B 13 27.16 -17.97 22.05
N HIS B 14 26.44 -17.38 21.11
CA HIS B 14 25.05 -17.71 20.91
C HIS B 14 24.92 -19.16 20.40
N THR B 15 23.89 -19.83 20.86
CA THR B 15 23.67 -21.22 20.52
C THR B 15 22.58 -21.47 19.50
N LYS B 16 21.87 -20.43 19.13
CA LYS B 16 20.89 -20.52 18.05
C LYS B 16 21.04 -19.31 17.15
N ALA B 17 20.24 -19.25 16.09
CA ALA B 17 20.37 -18.19 15.09
C ALA B 17 20.42 -16.81 15.72
N VAL B 18 21.39 -16.04 15.31
CA VAL B 18 21.40 -14.61 15.59
C VAL B 18 20.41 -13.90 14.66
N SER B 19 19.75 -12.87 15.21
CA SER B 19 18.79 -12.10 14.44
C SER B 19 19.23 -10.67 14.17
N SER B 20 20.09 -10.10 15.02
CA SER B 20 20.35 -8.68 14.90
C SER B 20 21.64 -8.37 15.63
N VAL B 21 22.45 -7.44 15.09
CA VAL B 21 23.57 -6.85 15.81
C VAL B 21 23.48 -5.34 15.67
N LYS B 22 23.86 -4.63 16.73
CA LYS B 22 23.77 -3.18 16.76
C LYS B 22 24.93 -2.63 17.59
N PHE B 23 25.60 -1.60 17.08
CA PHE B 23 26.62 -0.91 17.86
C PHE B 23 25.97 0.18 18.71
N SER B 24 26.42 0.30 19.95
CA SER B 24 25.89 1.37 20.77
C SER B 24 26.33 2.72 20.21
N PRO B 25 25.52 3.77 20.40
CA PRO B 25 25.85 5.07 19.82
C PRO B 25 27.14 5.66 20.34
N ASN B 26 27.58 5.29 21.54
CA ASN B 26 28.83 5.82 22.07
C ASN B 26 30.05 5.04 21.60
N GLY B 27 29.86 4.04 20.73
CA GLY B 27 30.94 3.29 20.15
C GLY B 27 31.54 2.18 21.00
N GLU B 28 31.11 2.02 22.25
CA GLU B 28 31.81 1.11 23.16
C GLU B 28 31.41 -0.35 22.97
N TRP B 29 30.16 -0.61 22.54
CA TRP B 29 29.60 -1.96 22.63
C TRP B 29 28.94 -2.41 21.34
N LEU B 30 28.89 -3.73 21.17
CA LEU B 30 28.01 -4.37 20.21
C LEU B 30 26.98 -5.18 21.00
N ALA B 31 25.71 -5.04 20.66
CA ALA B 31 24.68 -5.93 21.20
C ALA B 31 24.22 -6.88 20.12
N SER B 32 23.98 -8.13 20.49
CA SER B 32 23.42 -9.12 19.58
C SER B 32 22.20 -9.78 20.21
N SER B 33 21.25 -10.18 19.38
CA SER B 33 20.08 -10.90 19.86
C SER B 33 19.95 -12.22 19.11
N SER B 34 19.26 -13.18 19.71
CA SER B 34 19.26 -14.50 19.08
C SER B 34 17.98 -15.26 19.39
N ALA B 35 17.71 -16.29 18.56
CA ALA B 35 16.69 -17.28 18.84
C ALA B 35 16.97 -18.08 20.12
N ASP B 36 18.18 -17.99 20.67
CA ASP B 36 18.45 -18.60 21.97
C ASP B 36 17.87 -17.85 23.16
N LYS B 37 17.05 -16.80 22.94
CA LYS B 37 16.30 -16.04 23.95
C LYS B 37 17.21 -15.04 24.65
N LEU B 38 18.44 -14.86 24.18
CA LEU B 38 19.42 -14.04 24.88
C LEU B 38 19.84 -12.83 24.07
N ILE B 39 20.17 -11.78 24.83
CA ILE B 39 20.94 -10.63 24.34
C ILE B 39 22.36 -10.82 24.84
N LYS B 40 23.33 -10.60 23.99
CA LYS B 40 24.71 -10.62 24.42
C LYS B 40 25.36 -9.28 24.10
N ILE B 41 26.26 -8.85 24.97
CA ILE B 41 26.98 -7.59 24.87
C ILE B 41 28.45 -7.93 24.70
N TRP B 42 29.10 -7.27 23.73
CA TRP B 42 30.47 -7.53 23.34
C TRP B 42 31.23 -6.23 23.21
N GLY B 43 32.53 -6.25 23.49
CA GLY B 43 33.32 -5.04 23.30
C GLY B 43 33.43 -4.70 21.82
N ALA B 44 33.14 -3.45 21.46
CA ALA B 44 33.09 -3.07 20.05
C ALA B 44 34.43 -3.08 19.36
N TYR B 45 35.53 -2.88 20.11
CA TYR B 45 36.83 -2.70 19.48
C TYR B 45 37.69 -3.95 19.49
N ASP B 46 37.49 -4.84 20.46
CA ASP B 46 38.25 -6.07 20.57
C ASP B 46 37.36 -7.32 20.54
N GLY B 47 36.05 -7.16 20.48
CA GLY B 47 35.15 -8.30 20.44
C GLY B 47 35.08 -9.13 21.71
N LYS B 48 35.53 -8.62 22.86
CA LYS B 48 35.50 -9.45 24.07
C LYS B 48 34.08 -9.60 24.59
N PHE B 49 33.61 -10.82 24.90
CA PHE B 49 32.28 -11.01 25.48
C PHE B 49 32.17 -10.30 26.81
N GLU B 50 31.13 -9.49 26.98
CA GLU B 50 30.88 -8.82 28.24
C GLU B 50 29.85 -9.55 29.06
N LYS B 51 28.64 -9.70 28.58
CA LYS B 51 27.67 -10.42 29.32
C LYS B 51 26.43 -10.73 28.56
N THR B 52 25.71 -11.64 29.13
CA THR B 52 24.39 -12.06 28.71
C THR B 52 23.31 -11.29 29.47
N ILE B 53 22.27 -10.85 28.74
CA ILE B 53 21.07 -10.26 29.34
C ILE B 53 19.89 -11.19 28.99
N SER B 54 19.28 -11.77 30.02
CA SER B 54 18.31 -12.84 29.90
C SER B 54 16.99 -12.41 30.50
N GLY B 55 15.92 -13.08 30.11
CA GLY B 55 14.59 -12.77 30.60
C GLY B 55 13.50 -13.09 29.60
N HIS B 56 13.73 -12.89 28.31
CA HIS B 56 12.70 -13.26 27.36
C HIS B 56 12.41 -14.77 27.44
N LYS B 57 11.15 -15.14 27.16
CA LYS B 57 10.74 -16.52 27.27
C LYS B 57 10.89 -17.28 25.97
N LEU B 58 11.07 -16.57 24.85
CA LEU B 58 11.25 -17.18 23.53
C LEU B 58 12.28 -16.36 22.78
N GLY B 59 12.54 -16.73 21.52
CA GLY B 59 13.61 -16.08 20.77
C GLY B 59 13.36 -14.59 20.56
N ILE B 60 14.46 -13.89 20.30
CA ILE B 60 14.45 -12.44 20.13
C ILE B 60 14.74 -12.15 18.66
N SER B 61 13.95 -11.25 18.05
CA SER B 61 14.15 -10.88 16.65
C SER B 61 14.95 -9.60 16.46
N ASP B 62 15.02 -8.73 17.47
CA ASP B 62 15.64 -7.42 17.25
C ASP B 62 16.01 -6.85 18.61
N VAL B 63 17.05 -6.00 18.61
CA VAL B 63 17.48 -5.23 19.78
C VAL B 63 17.91 -3.86 19.27
N ALA B 64 17.74 -2.84 20.11
CA ALA B 64 18.09 -1.47 19.69
C ALA B 64 18.52 -0.66 20.91
N TRP B 65 19.50 0.22 20.71
CA TRP B 65 20.06 1.07 21.76
C TRP B 65 19.31 2.40 21.87
N SER B 66 19.23 2.91 23.09
CA SER B 66 18.84 4.29 23.25
C SER B 66 19.97 5.22 22.84
N SER B 67 19.62 6.50 22.63
N SER B 67 19.65 6.49 22.58
CA SER B 67 20.58 7.44 22.04
CA SER B 67 20.68 7.31 21.96
C SER B 67 21.80 7.64 22.93
C SER B 67 21.83 7.65 22.92
N ASP B 68 21.64 7.54 24.24
CA ASP B 68 22.74 7.73 25.18
C ASP B 68 23.45 6.42 25.54
N SER B 69 23.16 5.33 24.83
CA SER B 69 23.76 4.01 25.04
C SER B 69 23.43 3.41 26.40
N ASN B 70 22.52 4.00 27.17
CA ASN B 70 22.26 3.44 28.50
C ASN B 70 21.22 2.34 28.52
N LEU B 71 20.28 2.35 27.58
CA LEU B 71 19.20 1.39 27.55
C LEU B 71 19.26 0.56 26.28
N LEU B 72 18.73 -0.67 26.37
CA LEU B 72 18.40 -1.46 25.19
C LEU B 72 16.91 -1.76 25.20
N VAL B 73 16.33 -1.92 24.01
CA VAL B 73 15.00 -2.50 23.88
C VAL B 73 15.11 -3.73 22.98
N SER B 74 14.38 -4.79 23.35
CA SER B 74 14.39 -6.06 22.63
C SER B 74 12.97 -6.44 22.27
N ALA B 75 12.82 -7.16 21.14
CA ALA B 75 11.52 -7.58 20.62
C ALA B 75 11.51 -9.09 20.50
N SER B 76 10.52 -9.77 21.08
CA SER B 76 10.63 -11.24 21.18
C SER B 76 9.38 -11.96 20.69
N ASP B 77 9.59 -13.23 20.34
CA ASP B 77 8.47 -14.12 20.05
C ASP B 77 7.55 -14.36 21.25
N ASP B 78 7.99 -14.00 22.47
CA ASP B 78 7.09 -14.11 23.61
C ASP B 78 6.08 -12.99 23.64
N LYS B 79 6.05 -12.16 22.60
CA LYS B 79 5.04 -11.13 22.28
C LYS B 79 5.24 -9.91 23.15
N THR B 80 6.39 -9.81 23.82
CA THR B 80 6.76 -8.63 24.57
C THR B 80 7.96 -7.92 23.96
N LEU B 81 8.07 -6.64 24.34
CA LEU B 81 9.37 -5.95 24.32
C LEU B 81 9.87 -5.83 25.74
N LYS B 82 11.18 -5.76 25.90
CA LYS B 82 11.74 -5.48 27.21
C LYS B 82 12.70 -4.31 27.10
N ILE B 83 12.64 -3.42 28.10
CA ILE B 83 13.57 -2.31 28.22
C ILE B 83 14.55 -2.67 29.31
N TRP B 84 15.85 -2.58 28.97
CA TRP B 84 16.95 -3.02 29.83
C TRP B 84 17.88 -1.87 30.17
N ASP B 85 18.29 -1.82 31.43
CA ASP B 85 19.40 -0.94 31.83
C ASP B 85 20.68 -1.72 31.54
N VAL B 86 21.47 -1.26 30.57
CA VAL B 86 22.57 -2.10 30.08
C VAL B 86 23.62 -2.33 31.17
N SER B 87 23.96 -1.28 31.92
N SER B 87 23.97 -1.28 31.92
N SER B 87 23.96 -1.28 31.92
CA SER B 87 25.05 -1.36 32.88
CA SER B 87 25.08 -1.41 32.87
CA SER B 87 25.06 -1.38 32.87
C SER B 87 24.75 -2.35 33.99
C SER B 87 24.74 -2.38 33.99
C SER B 87 24.75 -2.35 33.99
N SER B 88 23.50 -2.42 34.44
CA SER B 88 23.13 -3.33 35.51
C SER B 88 22.57 -4.64 35.02
N GLY B 89 22.13 -4.71 33.77
CA GLY B 89 21.38 -5.86 33.30
C GLY B 89 19.92 -5.91 33.65
N LYS B 90 19.40 -5.00 34.42
CA LYS B 90 18.06 -5.08 34.87
C LYS B 90 17.02 -4.87 33.79
N CYS B 91 15.91 -5.59 33.86
CA CYS B 91 14.76 -5.33 33.00
C CYS B 91 13.92 -4.26 33.67
N LEU B 92 13.95 -3.05 33.09
CA LEU B 92 13.20 -1.93 33.67
C LEU B 92 11.72 -2.08 33.41
N LYS B 93 11.35 -2.53 32.22
CA LYS B 93 9.93 -2.65 31.87
C LYS B 93 9.76 -3.80 30.90
N THR B 94 8.61 -4.48 30.99
CA THR B 94 8.14 -5.40 29.94
C THR B 94 6.89 -4.82 29.30
N LEU B 95 6.95 -4.60 27.99
CA LEU B 95 5.91 -3.93 27.22
C LEU B 95 5.00 -5.01 26.62
N LYS B 96 3.79 -5.12 27.16
CA LYS B 96 2.80 -6.09 26.75
C LYS B 96 1.65 -5.39 26.06
N GLY B 97 1.30 -5.87 24.88
CA GLY B 97 0.24 -5.26 24.12
C GLY B 97 0.04 -5.96 22.79
N HIS B 98 1.14 -6.29 22.13
CA HIS B 98 1.01 -6.95 20.84
C HIS B 98 0.35 -8.31 21.04
N SER B 99 -0.40 -8.74 20.04
CA SER B 99 -1.08 -10.02 20.13
C SER B 99 -0.34 -11.15 19.42
N ASN B 100 0.83 -10.88 18.85
CA ASN B 100 1.66 -11.91 18.23
C ASN B 100 3.10 -11.47 18.34
N TYR B 101 4.00 -12.29 17.79
CA TYR B 101 5.44 -12.07 17.93
C TYR B 101 5.81 -10.62 17.63
N VAL B 102 6.71 -10.06 18.42
CA VAL B 102 7.26 -8.72 18.13
C VAL B 102 8.55 -8.90 17.31
N PHE B 103 8.60 -8.24 16.15
N PHE B 103 8.62 -8.22 16.16
CA PHE B 103 9.66 -8.48 15.19
CA PHE B 103 9.65 -8.46 15.16
C PHE B 103 10.72 -7.38 15.13
C PHE B 103 10.67 -7.35 15.00
N CYS B 104 10.39 -6.15 15.50
CA CYS B 104 11.30 -5.03 15.32
C CYS B 104 11.02 -3.96 16.36
N CYS B 105 12.04 -3.13 16.61
CA CYS B 105 11.91 -2.11 17.65
C CYS B 105 12.98 -1.04 17.50
N ASN B 106 12.67 0.17 17.98
CA ASN B 106 13.63 1.26 17.99
C ASN B 106 13.16 2.30 18.98
N PHE B 107 14.12 3.01 19.61
CA PHE B 107 13.84 4.23 20.35
C PHE B 107 13.69 5.40 19.39
N ASN B 108 12.97 6.45 19.81
CA ASN B 108 13.06 7.71 19.07
C ASN B 108 14.35 8.41 19.49
N PRO B 109 14.74 9.47 18.78
CA PRO B 109 16.02 10.14 19.10
C PRO B 109 16.10 10.65 20.53
N GLN B 110 14.99 11.14 21.12
CA GLN B 110 15.02 11.53 22.52
C GLN B 110 15.01 10.34 23.46
N SER B 111 14.70 9.14 22.95
CA SER B 111 14.65 7.92 23.73
C SER B 111 13.59 7.98 24.84
N ASN B 112 12.54 8.79 24.66
CA ASN B 112 11.38 8.76 25.54
C ASN B 112 10.27 7.88 24.99
N LEU B 113 10.35 7.46 23.72
CA LEU B 113 9.37 6.58 23.13
C LEU B 113 10.08 5.40 22.50
N ILE B 114 9.35 4.29 22.39
CA ILE B 114 9.78 3.13 21.60
C ILE B 114 8.72 2.86 20.56
N VAL B 115 9.14 2.52 19.35
CA VAL B 115 8.22 2.02 18.34
C VAL B 115 8.51 0.53 18.12
N SER B 116 7.44 -0.22 17.86
CA SER B 116 7.55 -1.66 17.63
C SER B 116 6.64 -2.14 16.50
N GLY B 117 7.06 -3.22 15.86
CA GLY B 117 6.34 -3.85 14.77
C GLY B 117 6.17 -5.33 15.08
N SER B 118 5.02 -5.89 14.72
CA SER B 118 4.67 -7.25 15.03
C SER B 118 4.07 -8.11 13.87
N PHE B 119 4.12 -9.29 14.09
N PHE B 119 4.09 -9.29 14.08
CA PHE B 119 3.43 -10.31 13.30
CA PHE B 119 3.41 -10.28 13.27
C PHE B 119 1.95 -10.07 13.38
C PHE B 119 1.92 -10.11 13.40
N ASP B 120 1.52 -9.38 14.36
CA ASP B 120 0.11 -8.93 14.50
C ASP B 120 -0.32 -7.88 13.51
N GLU B 121 0.64 -7.41 12.73
CA GLU B 121 0.38 -6.49 11.59
C GLU B 121 0.22 -5.05 12.07
N SER B 122 0.51 -4.77 13.34
CA SER B 122 0.39 -3.43 13.88
C SER B 122 1.76 -2.84 14.19
N VAL B 123 1.77 -1.51 14.30
CA VAL B 123 2.90 -0.75 14.82
C VAL B 123 2.42 -0.14 16.13
N ARG B 124 3.22 -0.27 17.19
N ARG B 124 3.22 -0.26 17.19
CA ARG B 124 2.82 0.30 18.48
CA ARG B 124 2.82 0.30 18.48
C ARG B 124 3.86 1.32 18.93
C ARG B 124 3.86 1.31 18.94
N ILE B 125 3.38 2.33 19.66
CA ILE B 125 4.23 3.39 20.19
C ILE B 125 4.07 3.37 21.70
N TRP B 126 5.21 3.31 22.42
CA TRP B 126 5.24 3.06 23.86
C TRP B 126 6.00 4.17 24.58
N ASP B 127 5.52 4.50 25.78
CA ASP B 127 6.25 5.39 26.66
C ASP B 127 7.36 4.62 27.38
N VAL B 128 8.59 5.10 27.25
CA VAL B 128 9.73 4.43 27.88
C VAL B 128 9.63 4.46 29.41
N LYS B 129 9.28 5.61 29.99
CA LYS B 129 9.34 5.74 31.45
C LYS B 129 8.30 4.86 32.13
N THR B 130 7.08 4.83 31.59
CA THR B 130 5.99 4.09 32.20
C THR B 130 5.80 2.69 31.63
N GLY B 131 6.37 2.40 30.46
CA GLY B 131 6.24 1.10 29.83
C GLY B 131 4.88 0.84 29.22
N LYS B 132 4.06 1.88 29.07
CA LYS B 132 2.68 1.71 28.62
C LYS B 132 2.57 2.04 27.14
N CYS B 133 1.62 1.37 26.50
CA CYS B 133 1.35 1.60 25.08
C CYS B 133 0.53 2.88 24.92
N LEU B 134 1.04 3.80 24.10
CA LEU B 134 0.41 5.08 23.83
C LEU B 134 -0.47 5.05 22.59
N LYS B 135 -0.05 4.30 21.58
CA LYS B 135 -0.83 4.27 20.34
C LYS B 135 -0.63 2.92 19.68
N THR B 136 -1.67 2.45 19.00
CA THR B 136 -1.59 1.27 18.14
C THR B 136 -2.04 1.67 16.75
N LEU B 137 -1.18 1.45 15.73
CA LEU B 137 -1.48 1.78 14.34
C LEU B 137 -1.79 0.50 13.58
N PRO B 138 -2.95 0.44 12.88
CA PRO B 138 -3.31 -0.72 12.06
C PRO B 138 -2.56 -0.61 10.75
N ALA B 139 -1.27 -0.88 10.83
CA ALA B 139 -0.30 -0.37 9.87
C ALA B 139 -0.24 -1.16 8.57
N HIS B 140 -0.44 -2.49 8.62
CA HIS B 140 -0.10 -3.35 7.50
C HIS B 140 -1.08 -4.51 7.44
N SER B 141 -0.96 -5.33 6.37
CA SER B 141 -1.80 -6.52 6.20
C SER B 141 -0.98 -7.80 6.21
N ASP B 142 0.20 -7.72 6.80
CA ASP B 142 1.11 -8.84 6.96
C ASP B 142 2.08 -8.42 8.05
N PRO B 143 2.93 -9.33 8.52
CA PRO B 143 3.88 -8.98 9.58
C PRO B 143 4.72 -7.73 9.25
N VAL B 144 4.96 -6.94 10.28
CA VAL B 144 5.76 -5.71 10.19
C VAL B 144 7.22 -6.07 10.43
N SER B 145 8.06 -5.82 9.43
CA SER B 145 9.45 -6.27 9.47
C SER B 145 10.43 -5.25 10.04
N ALA B 146 10.12 -3.96 9.95
CA ALA B 146 11.00 -2.95 10.50
C ALA B 146 10.20 -1.71 10.88
N VAL B 147 10.73 -0.95 11.85
CA VAL B 147 10.16 0.33 12.28
C VAL B 147 11.32 1.23 12.69
N HIS B 148 11.23 2.50 12.30
CA HIS B 148 12.32 3.43 12.56
C HIS B 148 11.79 4.85 12.66
N PHE B 149 12.29 5.63 13.61
CA PHE B 149 11.93 7.05 13.68
C PHE B 149 12.84 7.87 12.78
N ASN B 150 12.32 9.00 12.32
CA ASN B 150 13.14 9.95 11.58
C ASN B 150 13.95 10.86 12.51
N ARG B 151 14.62 11.82 11.94
CA ARG B 151 15.58 12.60 12.67
C ARG B 151 15.17 13.27 13.91
N ASP B 152 14.01 13.85 13.86
CA ASP B 152 13.47 14.57 15.01
C ASP B 152 12.36 13.82 15.72
N GLY B 153 12.06 12.61 15.29
CA GLY B 153 11.07 11.79 15.94
C GLY B 153 9.65 12.05 15.51
N SER B 154 9.42 12.99 14.60
CA SER B 154 8.05 13.35 14.24
C SER B 154 7.40 12.36 13.28
N LEU B 155 8.19 11.48 12.64
CA LEU B 155 7.70 10.48 11.69
C LEU B 155 8.25 9.11 12.07
N ILE B 156 7.49 8.08 11.69
CA ILE B 156 7.89 6.67 11.80
C ILE B 156 7.80 6.09 10.39
N VAL B 157 8.80 5.29 10.00
CA VAL B 157 8.69 4.49 8.78
C VAL B 157 8.53 3.03 9.20
N SER B 158 7.62 2.32 8.53
CA SER B 158 7.43 0.90 8.79
C SER B 158 7.51 0.17 7.46
N SER B 159 7.89 -1.10 7.51
CA SER B 159 7.87 -1.97 6.34
C SER B 159 7.20 -3.28 6.70
N SER B 160 6.73 -3.98 5.67
CA SER B 160 5.97 -5.20 5.90
C SER B 160 6.13 -6.16 4.76
N TYR B 161 5.95 -7.45 5.07
CA TYR B 161 5.87 -8.46 4.04
C TYR B 161 4.70 -8.25 3.10
N ASP B 162 3.77 -7.33 3.41
CA ASP B 162 2.71 -6.95 2.47
C ASP B 162 3.26 -6.13 1.30
N GLY B 163 4.55 -5.89 1.29
CA GLY B 163 5.15 -5.16 0.21
C GLY B 163 5.17 -3.64 0.30
N LEU B 164 4.71 -3.11 1.40
CA LEU B 164 4.67 -1.68 1.55
C LEU B 164 5.71 -1.11 2.48
N CYS B 165 6.08 0.13 2.15
N CYS B 165 6.04 0.13 2.14
CA CYS B 165 6.70 1.01 3.13
CA CYS B 165 6.68 1.04 3.09
C CYS B 165 5.81 2.21 3.41
C CYS B 165 5.77 2.22 3.41
N ARG B 166 5.57 2.47 4.69
CA ARG B 166 4.64 3.49 5.11
C ARG B 166 5.28 4.46 6.09
N ILE B 167 4.87 5.70 5.94
CA ILE B 167 5.34 6.81 6.74
C ILE B 167 4.14 7.29 7.59
N TRP B 168 4.37 7.39 8.87
CA TRP B 168 3.33 7.67 9.86
C TRP B 168 3.68 8.92 10.62
N ASP B 169 2.67 9.74 10.91
CA ASP B 169 2.87 10.88 11.80
C ASP B 169 2.86 10.39 13.25
N THR B 170 3.97 10.58 13.95
CA THR B 170 4.06 10.05 15.32
C THR B 170 2.93 10.56 16.20
N ALA B 171 2.61 11.87 16.12
CA ALA B 171 1.64 12.46 17.03
C ALA B 171 0.20 12.06 16.70
N SER B 172 -0.18 12.08 15.43
CA SER B 172 -1.57 11.82 15.04
C SER B 172 -1.84 10.37 14.68
N GLY B 173 -0.82 9.60 14.33
CA GLY B 173 -1.05 8.26 13.86
C GLY B 173 -1.46 8.16 12.40
N GLN B 174 -1.62 9.28 11.70
CA GLN B 174 -2.07 9.22 10.32
C GLN B 174 -1.02 8.59 9.42
N CYS B 175 -1.48 7.76 8.47
CA CYS B 175 -0.63 7.20 7.41
C CYS B 175 -0.39 8.29 6.38
N LEU B 176 0.84 8.85 6.35
CA LEU B 176 1.10 9.98 5.47
C LEU B 176 1.56 9.56 4.09
N LYS B 177 2.22 8.41 3.96
CA LYS B 177 2.76 8.01 2.66
C LYS B 177 2.81 6.50 2.60
N THR B 178 2.63 5.97 1.38
CA THR B 178 2.93 4.58 1.09
C THR B 178 3.84 4.53 -0.13
N LEU B 179 4.98 3.85 0.00
CA LEU B 179 5.94 3.71 -1.07
C LEU B 179 5.95 2.27 -1.57
N ILE B 180 5.87 2.16 -2.90
CA ILE B 180 5.87 0.88 -3.62
C ILE B 180 6.29 1.16 -5.07
N ASP B 181 7.00 0.21 -5.69
CA ASP B 181 7.65 0.52 -6.97
C ASP B 181 7.13 -0.29 -8.16
N ASP B 182 5.82 -0.25 -8.41
CA ASP B 182 5.17 -0.93 -9.55
C ASP B 182 5.26 -2.44 -9.46
N ASP B 183 5.64 -2.93 -8.30
CA ASP B 183 5.64 -4.36 -8.01
C ASP B 183 5.62 -4.41 -6.48
N ASN B 184 5.20 -5.53 -5.91
CA ASN B 184 5.14 -5.59 -4.45
C ASN B 184 5.77 -6.87 -3.91
N PRO B 185 7.08 -7.01 -4.10
CA PRO B 185 7.80 -8.00 -3.29
C PRO B 185 7.72 -7.65 -1.83
N PRO B 186 7.79 -8.65 -0.94
CA PRO B 186 7.85 -8.37 0.50
C PRO B 186 8.99 -7.42 0.85
N VAL B 187 8.71 -6.47 1.76
CA VAL B 187 9.74 -5.56 2.26
C VAL B 187 10.20 -6.08 3.60
N SER B 188 11.49 -6.36 3.69
CA SER B 188 12.04 -6.99 4.88
C SER B 188 12.76 -6.03 5.81
N PHE B 189 13.01 -4.80 5.38
CA PHE B 189 13.74 -3.86 6.21
C PHE B 189 13.53 -2.46 5.66
N VAL B 190 13.50 -1.46 6.55
CA VAL B 190 13.52 -0.06 6.12
C VAL B 190 14.11 0.77 7.25
N LYS B 191 14.75 1.89 6.89
CA LYS B 191 15.20 2.85 7.88
C LYS B 191 15.39 4.19 7.19
N PHE B 192 15.26 5.27 7.95
CA PHE B 192 15.60 6.59 7.44
C PHE B 192 17.10 6.74 7.28
N SER B 193 17.48 7.58 6.31
CA SER B 193 18.88 7.81 6.02
C SER B 193 19.49 8.72 7.10
N PRO B 194 20.81 8.79 7.14
CA PRO B 194 21.45 9.62 8.18
C PRO B 194 21.00 11.07 8.15
N ASN B 195 20.76 11.63 6.98
CA ASN B 195 20.34 13.02 6.93
C ASN B 195 18.83 13.16 6.96
N GLY B 196 18.10 12.06 7.04
CA GLY B 196 16.68 12.13 7.28
C GLY B 196 15.82 12.31 6.06
N LYS B 197 16.42 12.53 4.89
CA LYS B 197 15.68 12.83 3.67
C LYS B 197 15.19 11.57 2.95
N TYR B 198 15.83 10.43 3.19
CA TYR B 198 15.57 9.24 2.39
C TYR B 198 15.22 8.10 3.32
N ILE B 199 14.65 7.06 2.72
CA ILE B 199 14.54 5.77 3.39
C ILE B 199 15.22 4.71 2.54
N LEU B 200 15.93 3.80 3.20
CA LEU B 200 16.55 2.66 2.55
C LEU B 200 15.72 1.43 2.86
N ALA B 201 15.30 0.68 1.82
CA ALA B 201 14.39 -0.44 1.99
C ALA B 201 14.95 -1.67 1.29
N ALA B 202 14.86 -2.82 1.96
CA ALA B 202 15.28 -4.10 1.40
C ALA B 202 14.02 -4.86 1.00
N THR B 203 13.99 -5.41 -0.21
CA THR B 203 12.88 -6.27 -0.60
C THR B 203 13.40 -7.67 -0.92
N LEU B 204 12.54 -8.67 -0.77
CA LEU B 204 12.96 -10.08 -0.93
C LEU B 204 12.96 -10.52 -2.40
N ASP B 205 13.42 -9.63 -3.25
CA ASP B 205 13.77 -9.87 -4.65
C ASP B 205 15.20 -9.40 -4.91
N ASN B 206 16.09 -9.60 -3.93
CA ASN B 206 17.52 -9.33 -4.10
C ASN B 206 17.81 -7.86 -4.41
N THR B 207 17.07 -6.94 -3.80
CA THR B 207 17.17 -5.51 -4.14
C THR B 207 17.11 -4.62 -2.90
N LEU B 208 18.01 -3.64 -2.86
CA LEU B 208 17.90 -2.52 -1.92
C LEU B 208 17.55 -1.26 -2.70
N LYS B 209 16.69 -0.42 -2.13
CA LYS B 209 16.23 0.79 -2.79
C LYS B 209 16.32 1.98 -1.84
N LEU B 210 16.81 3.11 -2.35
CA LEU B 210 16.86 4.36 -1.61
C LEU B 210 15.80 5.29 -2.19
N TRP B 211 14.84 5.66 -1.35
CA TRP B 211 13.68 6.47 -1.73
C TRP B 211 13.78 7.87 -1.17
N ASP B 212 13.35 8.84 -1.97
CA ASP B 212 12.91 10.12 -1.41
C ASP B 212 11.46 9.94 -1.04
N TYR B 213 11.15 9.81 0.26
CA TYR B 213 9.79 9.41 0.61
C TYR B 213 8.80 10.55 0.48
N SER B 214 9.26 11.79 0.55
CA SER B 214 8.36 12.93 0.43
C SER B 214 7.90 13.09 -1.02
N LYS B 215 8.81 12.93 -1.97
CA LYS B 215 8.48 12.96 -3.39
C LYS B 215 8.00 11.62 -3.93
N GLY B 216 8.19 10.55 -3.17
CA GLY B 216 7.79 9.23 -3.62
C GLY B 216 8.61 8.75 -4.79
N LYS B 217 9.91 9.02 -4.80
CA LYS B 217 10.78 8.67 -5.90
C LYS B 217 11.89 7.74 -5.44
N CYS B 218 12.10 6.65 -6.16
CA CYS B 218 13.24 5.79 -5.93
C CYS B 218 14.46 6.39 -6.63
N LEU B 219 15.45 6.78 -5.84
CA LEU B 219 16.63 7.47 -6.35
C LEU B 219 17.78 6.54 -6.64
N LYS B 220 17.92 5.44 -5.88
CA LYS B 220 19.04 4.52 -6.10
C LYS B 220 18.57 3.11 -5.86
N THR B 221 19.14 2.15 -6.59
CA THR B 221 18.97 0.75 -6.24
C THR B 221 20.34 0.08 -6.15
N TYR B 222 20.45 -0.91 -5.26
CA TYR B 222 21.70 -1.61 -5.00
C TYR B 222 21.37 -3.08 -5.16
N THR B 223 22.10 -3.73 -6.07
CA THR B 223 21.86 -5.13 -6.42
C THR B 223 23.19 -5.85 -6.53
N GLY B 224 23.09 -7.18 -6.66
CA GLY B 224 24.23 -8.06 -6.75
C GLY B 224 24.32 -9.06 -5.62
N HIS B 225 23.60 -8.82 -4.53
CA HIS B 225 23.55 -9.75 -3.41
C HIS B 225 22.37 -10.71 -3.58
N LYS B 226 22.23 -11.62 -2.64
CA LYS B 226 21.14 -12.58 -2.65
C LYS B 226 20.28 -12.34 -1.42
N ASN B 227 19.00 -12.08 -1.63
CA ASN B 227 18.09 -11.85 -0.50
C ASN B 227 16.67 -12.14 -0.98
N GLU B 228 16.26 -13.40 -0.83
CA GLU B 228 14.92 -13.85 -1.18
C GLU B 228 14.14 -14.40 0.00
N LYS B 229 14.75 -14.54 1.18
CA LYS B 229 14.07 -15.23 2.27
C LYS B 229 14.17 -14.52 3.60
N TYR B 230 15.36 -14.10 4.00
CA TYR B 230 15.61 -13.71 5.38
C TYR B 230 15.51 -12.20 5.57
N CYS B 231 15.29 -11.82 6.82
N CYS B 231 15.26 -11.79 6.80
CA CYS B 231 15.21 -10.43 7.26
CA CYS B 231 15.15 -10.37 7.12
C CYS B 231 16.63 -9.89 7.46
C CYS B 231 16.56 -9.86 7.44
N ILE B 232 17.20 -9.33 6.40
CA ILE B 232 18.58 -8.88 6.44
C ILE B 232 18.56 -7.35 6.44
N PHE B 233 19.08 -6.76 7.51
CA PHE B 233 19.13 -5.30 7.56
C PHE B 233 20.13 -4.75 6.55
N ALA B 234 19.98 -3.48 6.24
CA ALA B 234 20.98 -2.78 5.47
C ALA B 234 21.41 -1.54 6.23
N ASN B 235 22.66 -1.13 6.03
CA ASN B 235 23.23 -0.04 6.81
C ASN B 235 23.79 1.04 5.92
N PHE B 236 23.83 2.25 6.47
CA PHE B 236 24.62 3.33 5.91
C PHE B 236 25.94 3.41 6.67
N SER B 237 27.07 3.41 5.94
CA SER B 237 28.39 3.57 6.54
C SER B 237 28.80 5.04 6.40
N VAL B 238 28.93 5.73 7.53
CA VAL B 238 29.03 7.18 7.60
C VAL B 238 30.40 7.67 8.10
N THR B 239 31.30 6.77 8.47
CA THR B 239 32.57 7.16 9.10
C THR B 239 33.67 7.47 8.11
N GLY B 240 33.68 6.79 6.97
CA GLY B 240 34.68 7.02 5.96
C GLY B 240 34.04 7.30 4.62
N GLY B 241 34.31 6.46 3.63
CA GLY B 241 33.59 6.59 2.38
C GLY B 241 32.12 6.28 2.57
N LYS B 242 31.29 6.85 1.69
CA LYS B 242 29.84 6.74 1.84
C LYS B 242 29.42 5.40 1.23
N TRP B 243 29.19 4.39 2.09
CA TRP B 243 28.84 3.08 1.57
C TRP B 243 27.47 2.64 2.06
N ILE B 244 26.88 1.70 1.32
CA ILE B 244 25.75 0.90 1.76
C ILE B 244 26.27 -0.49 2.07
N VAL B 245 25.84 -1.06 3.20
CA VAL B 245 26.35 -2.34 3.65
C VAL B 245 25.19 -3.30 3.89
N SER B 246 25.34 -4.57 3.47
CA SER B 246 24.28 -5.54 3.76
C SER B 246 24.84 -6.95 3.83
N GLY B 247 24.17 -7.81 4.60
CA GLY B 247 24.39 -9.24 4.52
C GLY B 247 23.76 -9.79 3.25
N SER B 248 23.84 -11.11 3.12
CA SER B 248 23.43 -11.76 1.88
C SER B 248 23.33 -13.25 2.10
N GLU B 249 22.46 -13.89 1.33
CA GLU B 249 22.20 -15.32 1.47
C GLU B 249 23.22 -16.18 0.74
N ASP B 250 24.23 -15.57 0.13
CA ASP B 250 25.38 -16.32 -0.37
C ASP B 250 26.58 -16.22 0.55
N ASN B 251 26.36 -15.86 1.83
CA ASN B 251 27.34 -15.93 2.92
C ASN B 251 28.37 -14.82 2.86
N LEU B 252 28.13 -13.76 2.10
CA LEU B 252 29.04 -12.63 2.00
C LEU B 252 28.41 -11.38 2.57
N VAL B 253 29.28 -10.46 3.00
CA VAL B 253 28.87 -9.07 3.27
C VAL B 253 29.11 -8.27 1.99
N TYR B 254 28.10 -7.53 1.53
CA TYR B 254 28.24 -6.67 0.37
C TYR B 254 28.38 -5.22 0.79
N ILE B 255 29.26 -4.49 0.09
CA ILE B 255 29.47 -3.07 0.30
C ILE B 255 29.39 -2.39 -1.05
N TRP B 256 28.54 -1.34 -1.12
CA TRP B 256 28.30 -0.61 -2.36
C TRP B 256 28.69 0.86 -2.17
N ASN B 257 29.07 1.48 -3.27
CA ASN B 257 29.20 2.94 -3.34
C ASN B 257 27.81 3.56 -3.31
N LEU B 258 27.55 4.45 -2.34
CA LEU B 258 26.25 5.09 -2.21
C LEU B 258 25.78 5.74 -3.53
N GLN B 259 26.68 6.48 -4.19
CA GLN B 259 26.30 7.33 -5.32
C GLN B 259 26.26 6.54 -6.62
N THR B 260 27.29 5.75 -6.89
CA THR B 260 27.38 5.04 -8.16
C THR B 260 26.66 3.70 -8.17
N LYS B 261 26.36 3.16 -7.00
CA LYS B 261 25.68 1.89 -6.80
C LYS B 261 26.52 0.68 -7.16
N GLU B 262 27.80 0.86 -7.46
CA GLU B 262 28.66 -0.28 -7.77
C GLU B 262 29.08 -0.98 -6.49
N ILE B 263 29.26 -2.29 -6.59
CA ILE B 263 29.85 -3.04 -5.48
C ILE B 263 31.31 -2.65 -5.34
N VAL B 264 31.72 -2.28 -4.12
CA VAL B 264 33.09 -1.91 -3.86
C VAL B 264 33.84 -2.94 -3.03
N GLN B 265 33.14 -3.81 -2.30
CA GLN B 265 33.82 -4.91 -1.63
C GLN B 265 32.82 -6.01 -1.26
N LYS B 266 33.29 -7.26 -1.24
CA LYS B 266 32.54 -8.40 -0.69
C LYS B 266 33.41 -9.06 0.36
N LEU B 267 32.86 -9.25 1.58
CA LEU B 267 33.66 -9.77 2.68
C LEU B 267 33.33 -11.25 2.83
N GLN B 268 34.36 -12.10 2.76
CA GLN B 268 34.18 -13.55 2.85
C GLN B 268 34.68 -14.11 4.17
N GLY B 269 34.14 -15.26 4.55
CA GLY B 269 34.50 -15.92 5.80
C GLY B 269 33.34 -16.64 6.44
N HIS B 270 32.18 -16.04 6.43
CA HIS B 270 31.10 -16.75 7.06
C HIS B 270 30.77 -18.01 6.23
N THR B 271 30.20 -19.00 6.88
CA THR B 271 29.85 -20.26 6.27
C THR B 271 28.34 -20.49 6.15
N ASP B 272 27.57 -19.44 6.41
CA ASP B 272 26.12 -19.48 6.30
C ASP B 272 25.67 -18.05 6.01
N VAL B 273 24.36 -17.91 5.78
CA VAL B 273 23.73 -16.64 5.47
C VAL B 273 24.20 -15.58 6.43
N VAL B 274 24.59 -14.41 5.90
CA VAL B 274 24.90 -13.27 6.74
C VAL B 274 23.58 -12.54 7.00
N ILE B 275 23.05 -12.76 8.21
CA ILE B 275 21.69 -12.35 8.55
C ILE B 275 21.69 -10.89 8.97
N SER B 276 22.82 -10.36 9.49
CA SER B 276 22.77 -8.99 10.01
C SER B 276 24.15 -8.33 9.91
N THR B 277 24.17 -7.02 9.70
CA THR B 277 25.40 -6.23 9.76
C THR B 277 25.09 -4.93 10.49
N ALA B 278 26.12 -4.34 11.06
CA ALA B 278 26.04 -3.00 11.67
C ALA B 278 27.34 -2.27 11.39
N CYS B 279 27.27 -0.93 11.40
CA CYS B 279 28.42 -0.08 11.13
C CYS B 279 28.70 0.79 12.36
N HIS B 280 29.95 0.81 12.78
CA HIS B 280 30.34 1.51 14.00
C HIS B 280 30.17 3.02 13.84
N PRO B 281 29.78 3.74 14.90
CA PRO B 281 29.46 5.16 14.72
C PRO B 281 30.65 6.08 14.46
N THR B 282 31.90 5.70 14.82
CA THR B 282 33.04 6.60 14.65
C THR B 282 34.24 5.99 13.94
N GLU B 283 34.43 4.68 14.08
CA GLU B 283 35.50 3.99 13.36
C GLU B 283 34.93 3.23 12.16
N ASN B 284 35.78 3.01 11.16
CA ASN B 284 35.37 2.21 9.99
C ASN B 284 35.41 0.73 10.39
N ILE B 285 34.37 0.30 11.09
CA ILE B 285 34.25 -1.05 11.59
C ILE B 285 32.86 -1.56 11.22
N ILE B 286 32.81 -2.79 10.69
CA ILE B 286 31.56 -3.49 10.39
C ILE B 286 31.48 -4.70 11.29
N ALA B 287 30.33 -4.92 11.90
CA ALA B 287 30.00 -6.21 12.51
C ALA B 287 29.08 -6.98 11.59
N SER B 288 29.34 -8.27 11.43
CA SER B 288 28.45 -9.13 10.67
C SER B 288 28.10 -10.37 11.48
N ALA B 289 26.89 -10.91 11.25
CA ALA B 289 26.45 -12.11 11.96
C ALA B 289 25.83 -13.07 10.96
N ALA B 290 26.10 -14.38 11.16
CA ALA B 290 25.64 -15.43 10.27
C ALA B 290 24.65 -16.33 10.99
N LEU B 291 23.87 -17.09 10.20
CA LEU B 291 22.83 -17.98 10.72
C LEU B 291 23.44 -19.26 11.31
N GLU B 292 22.58 -20.22 11.67
N GLU B 292 22.55 -20.24 11.62
CA GLU B 292 22.97 -21.19 12.68
CA GLU B 292 22.84 -21.28 12.60
C GLU B 292 23.91 -22.28 12.18
C GLU B 292 23.90 -22.27 12.17
N ASN B 293 24.20 -22.37 10.88
CA ASN B 293 25.24 -23.32 10.49
C ASN B 293 26.63 -22.78 10.81
N ASP B 294 26.73 -21.45 11.05
CA ASP B 294 27.97 -20.70 11.25
C ASP B 294 28.10 -20.23 12.70
N LYS B 295 27.11 -19.45 13.19
N LYS B 295 27.12 -19.46 13.19
CA LYS B 295 26.99 -19.05 14.59
CA LYS B 295 26.98 -19.04 14.59
C LYS B 295 28.07 -18.07 15.05
C LYS B 295 28.01 -18.02 15.05
N THR B 296 28.77 -17.41 14.15
CA THR B 296 29.76 -16.41 14.57
C THR B 296 29.31 -15.01 14.22
N ILE B 297 29.91 -14.06 14.93
CA ILE B 297 29.85 -12.64 14.63
C ILE B 297 31.26 -12.22 14.32
N LYS B 298 31.44 -11.40 13.27
CA LYS B 298 32.78 -11.02 12.85
C LYS B 298 32.89 -9.51 12.85
N LEU B 299 34.06 -9.01 13.26
CA LEU B 299 34.36 -7.59 13.27
C LEU B 299 35.41 -7.34 12.21
N TRP B 300 35.14 -6.42 11.31
CA TRP B 300 36.01 -6.09 10.19
C TRP B 300 36.39 -4.62 10.29
N LYS B 301 37.62 -4.29 9.94
CA LYS B 301 38.08 -2.90 10.00
C LYS B 301 38.72 -2.45 8.70
N SER B 302 38.47 -1.20 8.34
CA SER B 302 38.96 -0.62 7.10
C SER B 302 39.71 0.69 7.37
N ASP B 303 40.69 0.97 6.51
CA ASP B 303 41.40 2.24 6.57
C ASP B 303 40.58 3.41 6.04
N CYS B 304 39.54 3.14 5.26
CA CYS B 304 38.75 4.23 4.71
C CYS B 304 37.30 3.81 4.50
C10 Q0M C . -35.14 -3.40 -6.91
C13 Q0M C . -36.54 -5.94 -4.50
C15 Q0M C . -36.73 1.24 -4.88
C17 Q0M C . -36.50 -0.85 -4.37
C01 Q0M C . -30.13 -5.81 -6.37
C02 Q0M C . -30.14 -4.49 -5.95
C03 Q0M C . -30.99 -3.57 -6.53
C04 Q0M C . -31.87 -3.98 -7.53
C05 Q0M C . -31.87 -5.29 -7.94
C06 Q0M C . -31.01 -6.19 -7.35
C07 Q0M C . -36.50 -3.44 -4.46
C08 Q0M C . -36.17 -4.65 -5.09
C09 Q0M C . -35.50 -4.61 -6.32
C11 Q0M C . -35.47 -2.22 -6.27
C12 Q0M C . -36.13 -2.20 -5.03
C14 Q0M C . -37.27 -7.31 -2.57
C16 Q0M C . -37.61 -0.03 -5.10
C18 Q0M C . -35.51 0.32 -4.63
C19 Q0M C . -36.83 -1.00 -2.94
N01 Q0M C . -34.50 -3.41 -8.16
N02 Q0M C . -36.90 -6.02 -3.18
N03 Q0M C . -37.11 -1.08 -1.83
O01 Q0M C . -32.75 -5.68 -8.91
O02 Q0M C . -32.84 -1.55 -7.61
O03 Q0M C . -32.66 -2.76 -9.69
O04 Q0M C . -35.14 -5.76 -7.02
O05 Q0M C . -36.54 -6.99 -5.15
S01 Q0M C . -32.95 -2.80 -8.30
BR1 Q0M C . -28.95 -3.94 -4.61
CL1 Q0M C . -30.99 -7.82 -7.82
C10 Q0M D . 23.30 11.61 1.03
C13 Q0M D . 26.49 12.91 -0.48
C15 Q0M D . 20.53 9.96 -3.09
C17 Q0M D . 22.54 10.53 -2.56
C01 Q0M D . 26.43 8.53 4.54
C02 Q0M D . 25.63 7.77 3.72
C03 Q0M D . 24.41 8.25 3.27
C04 Q0M D . 23.98 9.53 3.65
C05 Q0M D . 24.79 10.30 4.47
C06 Q0M D . 25.99 9.78 4.90
C07 Q0M D . 24.53 11.74 -1.48
C08 Q0M D . 25.18 12.28 -0.35
C09 Q0M D . 24.55 12.22 0.90
C11 Q0M D . 22.67 11.07 -0.08
C12 Q0M D . 23.27 11.12 -1.35
C14 Q0M D . 28.56 13.32 -1.76
C16 Q0M D . 21.26 11.31 -2.99
C18 Q0M D . 21.65 9.30 -2.23
C19 Q0M D . 23.43 10.29 -3.71
N01 Q0M D . 22.72 11.60 2.31
N02 Q0M D . 27.23 12.70 -1.61
N03 Q0M D . 24.09 10.11 -4.63
O01 Q0M D . 24.39 11.57 4.82
O02 Q0M D . 21.87 9.25 2.16
O03 Q0M D . 21.64 10.48 4.23
O04 Q0M D . 25.13 12.72 2.04
O05 Q0M D . 26.96 13.65 0.39
S01 Q0M D . 22.42 10.16 3.10
BR1 Q0M D . 26.17 6.05 3.22
CL1 Q0M D . 27.02 10.71 5.89
#